data_2D56
#
_entry.id   2D56
#
_entity_poly.entity_id   1
_entity_poly.type   'polypeptide(L)'
_entity_poly.pdbx_seq_one_letter_code
;AVDFSSCARMDVPGLSKVAQGLCISSCKFQNCGTGHCEKRGGRPTCVCDRCGR
;
_entity_poly.pdbx_strand_id   A
#
# COMPACT_ATOMS: atom_id res chain seq x y z
N ALA A 1 -4.93 -8.29 -5.28
CA ALA A 1 -6.32 -8.75 -5.54
C ALA A 1 -7.05 -7.80 -6.48
N VAL A 2 -6.85 -6.51 -6.29
CA VAL A 2 -7.48 -5.50 -7.12
C VAL A 2 -6.49 -4.42 -7.53
N ASP A 3 -5.95 -4.55 -8.73
CA ASP A 3 -4.98 -3.58 -9.24
C ASP A 3 -5.68 -2.46 -10.01
N PHE A 4 -6.12 -1.44 -9.29
CA PHE A 4 -6.80 -0.32 -9.90
C PHE A 4 -6.59 0.96 -9.09
N SER A 5 -6.77 0.85 -7.78
CA SER A 5 -6.59 2.00 -6.88
C SER A 5 -5.45 1.75 -5.90
N SER A 6 -4.91 2.83 -5.35
CA SER A 6 -3.81 2.73 -4.40
C SER A 6 -3.54 4.08 -3.74
N CYS A 7 -4.31 4.40 -2.70
CA CYS A 7 -4.15 5.65 -1.98
C CYS A 7 -4.40 6.84 -2.91
N ALA A 8 -5.52 6.79 -3.63
CA ALA A 8 -5.88 7.87 -4.55
C ALA A 8 -6.87 8.84 -3.92
N ARG A 9 -6.79 8.98 -2.60
CA ARG A 9 -7.68 9.89 -1.88
C ARG A 9 -7.04 11.26 -1.71
N MET A 10 -5.73 11.29 -1.57
CA MET A 10 -5.00 12.54 -1.40
C MET A 10 -5.44 13.26 -0.14
N ASP A 11 -5.84 12.50 0.87
CA ASP A 11 -6.29 13.06 2.13
C ASP A 11 -5.14 13.14 3.14
N VAL A 12 -4.22 12.18 3.04
CA VAL A 12 -3.08 12.13 3.94
C VAL A 12 -2.11 13.28 3.66
N PRO A 13 -1.25 13.62 4.64
CA PRO A 13 -0.27 14.70 4.50
C PRO A 13 0.52 14.60 3.20
N GLY A 14 0.82 13.36 2.78
CA GLY A 14 1.58 13.16 1.57
C GLY A 14 2.66 12.11 1.72
N LEU A 15 2.98 11.75 2.97
CA LEU A 15 3.99 10.75 3.23
C LEU A 15 3.49 9.35 2.90
N SER A 16 2.17 9.20 2.83
CA SER A 16 1.57 7.90 2.52
C SER A 16 2.13 7.33 1.22
N LYS A 17 2.59 8.20 0.34
CA LYS A 17 3.15 7.79 -0.94
C LYS A 17 4.48 7.07 -0.75
N VAL A 18 5.33 7.63 0.10
CA VAL A 18 6.63 7.04 0.38
C VAL A 18 6.51 5.87 1.36
N ALA A 19 5.53 5.96 2.25
CA ALA A 19 5.30 4.91 3.24
C ALA A 19 4.80 3.63 2.57
N GLN A 20 4.13 3.79 1.42
CA GLN A 20 3.62 2.65 0.69
C GLN A 20 4.65 2.21 -0.32
N GLY A 21 5.51 3.14 -0.73
CA GLY A 21 6.54 2.83 -1.67
C GLY A 21 7.54 1.85 -1.09
N LEU A 22 7.76 1.99 0.21
CA LEU A 22 8.68 1.12 0.93
C LEU A 22 7.98 -0.14 1.39
N CYS A 23 6.74 0.01 1.86
CA CYS A 23 5.96 -1.12 2.31
C CYS A 23 5.72 -2.10 1.17
N ILE A 24 5.57 -1.57 -0.04
CA ILE A 24 5.32 -2.39 -1.22
C ILE A 24 6.61 -3.04 -1.71
N SER A 25 7.69 -2.25 -1.80
CA SER A 25 8.96 -2.78 -2.26
C SER A 25 9.50 -3.82 -1.29
N SER A 26 9.49 -3.50 0.00
CA SER A 26 9.98 -4.41 1.02
C SER A 26 9.20 -5.73 1.02
N CYS A 27 7.87 -5.63 1.01
CA CYS A 27 7.02 -6.82 1.02
C CYS A 27 7.04 -7.52 -0.33
N LYS A 28 7.48 -6.82 -1.36
CA LYS A 28 7.54 -7.38 -2.70
C LYS A 28 8.81 -8.20 -2.89
N PHE A 29 9.83 -7.91 -2.09
CA PHE A 29 11.11 -8.61 -2.17
C PHE A 29 10.91 -10.13 -2.13
N GLN A 30 9.87 -10.56 -1.42
CA GLN A 30 9.58 -11.99 -1.31
C GLN A 30 8.89 -12.52 -2.58
N ASN A 31 8.39 -11.61 -3.40
CA ASN A 31 7.70 -11.99 -4.64
C ASN A 31 6.39 -12.72 -4.34
N CYS A 32 5.79 -12.40 -3.19
CA CYS A 32 4.53 -13.01 -2.80
C CYS A 32 3.77 -12.12 -1.82
N GLY A 33 4.02 -10.82 -1.87
CA GLY A 33 3.35 -9.89 -0.98
C GLY A 33 3.39 -8.46 -1.47
N THR A 34 2.24 -7.94 -1.90
CA THR A 34 2.17 -6.56 -2.38
C THR A 34 1.67 -5.64 -1.27
N GLY A 35 2.38 -4.54 -1.06
CA GLY A 35 1.99 -3.60 -0.03
C GLY A 35 0.87 -2.68 -0.47
N HIS A 36 -0.20 -2.66 0.32
CA HIS A 36 -1.35 -1.81 0.01
C HIS A 36 -1.79 -1.02 1.24
N CYS A 37 -2.02 0.28 1.06
CA CYS A 37 -2.44 1.14 2.15
C CYS A 37 -3.93 0.99 2.43
N GLU A 38 -4.27 0.09 3.36
CA GLU A 38 -5.66 -0.15 3.71
C GLU A 38 -6.09 0.78 4.84
N LYS A 39 -6.61 1.95 4.46
CA LYS A 39 -7.06 2.94 5.45
C LYS A 39 -8.55 3.25 5.24
N ARG A 40 -9.23 3.56 6.34
CA ARG A 40 -10.65 3.88 6.29
C ARG A 40 -10.97 5.10 7.14
N GLY A 41 -11.09 4.88 8.45
CA GLY A 41 -11.39 5.98 9.36
C GLY A 41 -10.13 6.65 9.90
N GLY A 42 -9.04 6.53 9.16
CA GLY A 42 -7.78 7.13 9.59
C GLY A 42 -6.81 6.11 10.13
N ARG A 43 -6.96 4.86 9.70
CA ARG A 43 -6.07 3.79 10.15
C ARG A 43 -5.30 3.19 8.98
N PRO A 44 -4.12 3.77 8.66
CA PRO A 44 -3.28 3.30 7.57
C PRO A 44 -2.62 1.96 7.87
N THR A 45 -3.09 0.91 7.20
CA THR A 45 -2.54 -0.43 7.41
C THR A 45 -1.69 -0.85 6.22
N CYS A 46 -0.66 -1.65 6.49
CA CYS A 46 0.24 -2.13 5.44
C CYS A 46 0.04 -3.62 5.20
N VAL A 47 -0.89 -3.95 4.30
CA VAL A 47 -1.17 -5.34 3.97
C VAL A 47 -0.24 -5.84 2.87
N CYS A 48 0.33 -7.01 3.07
CA CYS A 48 1.25 -7.58 2.09
C CYS A 48 0.77 -8.95 1.62
N ASP A 49 0.37 -9.02 0.35
CA ASP A 49 -0.11 -10.26 -0.24
C ASP A 49 -0.03 -10.20 -1.77
N ARG A 50 0.80 -11.06 -2.35
CA ARG A 50 0.97 -11.09 -3.80
C ARG A 50 1.58 -12.42 -4.24
N CYS A 51 1.17 -13.50 -3.59
CA CYS A 51 1.68 -14.82 -3.93
C CYS A 51 0.75 -15.53 -4.92
N GLY A 52 1.32 -16.09 -5.97
CA GLY A 52 0.54 -16.78 -6.97
C GLY A 52 0.40 -15.99 -8.26
N ARG A 53 0.92 -16.55 -9.35
CA ARG A 53 0.85 -15.90 -10.65
C ARG A 53 0.00 -16.70 -11.63
N ALA A 1 -0.64 -2.53 -16.89
CA ALA A 1 -1.38 -1.60 -16.00
C ALA A 1 -2.61 -2.27 -15.40
N VAL A 2 -2.51 -3.57 -15.16
CA VAL A 2 -3.62 -4.33 -14.58
C VAL A 2 -3.85 -3.96 -13.12
N ASP A 3 -5.04 -4.24 -12.62
CA ASP A 3 -5.38 -3.93 -11.24
C ASP A 3 -5.29 -2.44 -10.98
N PHE A 4 -5.84 -2.00 -9.83
CA PHE A 4 -5.81 -0.59 -9.47
C PHE A 4 -4.71 -0.31 -8.46
N SER A 5 -4.09 0.86 -8.58
CA SER A 5 -3.01 1.24 -7.67
C SER A 5 -2.66 2.72 -7.84
N SER A 6 -3.50 3.58 -7.26
CA SER A 6 -3.28 5.03 -7.34
C SER A 6 -3.13 5.64 -5.96
N CYS A 7 -2.11 5.19 -5.23
CA CYS A 7 -1.85 5.69 -3.89
C CYS A 7 -0.76 6.76 -3.91
N ALA A 8 -0.71 7.54 -4.99
CA ALA A 8 0.28 8.59 -5.14
C ALA A 8 -0.25 9.91 -4.57
N ARG A 9 -1.55 10.14 -4.72
CA ARG A 9 -2.16 11.36 -4.22
C ARG A 9 -3.50 11.07 -3.53
N MET A 10 -3.61 9.87 -2.96
CA MET A 10 -4.83 9.47 -2.28
C MET A 10 -5.01 10.27 -0.99
N ASP A 11 -3.91 10.45 -0.26
CA ASP A 11 -3.94 11.20 0.99
C ASP A 11 -2.52 11.40 1.53
N VAL A 12 -1.58 11.61 0.61
CA VAL A 12 -0.19 11.80 0.99
C VAL A 12 0.06 13.23 1.48
N PRO A 13 0.36 13.41 2.78
CA PRO A 13 0.62 14.73 3.35
C PRO A 13 2.04 15.21 3.06
N GLY A 14 2.94 14.27 2.84
CA GLY A 14 4.32 14.62 2.56
C GLY A 14 5.28 13.51 2.96
N LEU A 15 4.94 12.28 2.64
CA LEU A 15 5.77 11.12 2.99
C LEU A 15 5.07 9.80 2.65
N SER A 16 3.74 9.81 2.72
CA SER A 16 2.95 8.61 2.44
C SER A 16 3.41 7.94 1.16
N LYS A 17 3.95 8.73 0.23
CA LYS A 17 4.43 8.19 -1.04
C LYS A 17 5.58 7.23 -0.81
N VAL A 18 6.52 7.62 0.05
CA VAL A 18 7.67 6.80 0.36
C VAL A 18 7.26 5.63 1.26
N ALA A 19 6.29 5.87 2.12
CA ALA A 19 5.80 4.84 3.04
C ALA A 19 5.17 3.68 2.28
N GLN A 20 4.67 3.97 1.08
CA GLN A 20 4.08 2.95 0.25
C GLN A 20 5.13 2.36 -0.66
N GLY A 21 6.15 3.15 -0.94
CA GLY A 21 7.23 2.69 -1.78
C GLY A 21 8.08 1.67 -1.08
N LEU A 22 8.18 1.82 0.23
CA LEU A 22 8.95 0.90 1.06
C LEU A 22 8.11 -0.30 1.46
N CYS A 23 6.85 -0.05 1.78
CA CYS A 23 5.94 -1.13 2.17
C CYS A 23 5.73 -2.10 1.01
N ILE A 24 5.72 -1.56 -0.21
CA ILE A 24 5.52 -2.37 -1.40
C ILE A 24 6.80 -3.12 -1.78
N SER A 25 7.93 -2.42 -1.77
CA SER A 25 9.20 -3.04 -2.13
C SER A 25 9.61 -4.07 -1.09
N SER A 26 9.53 -3.71 0.18
CA SER A 26 9.90 -4.60 1.28
C SER A 26 9.03 -5.85 1.29
N CYS A 27 7.72 -5.66 1.14
CA CYS A 27 6.77 -6.78 1.14
C CYS A 27 6.81 -7.55 -0.19
N LYS A 28 7.36 -6.91 -1.22
CA LYS A 28 7.45 -7.54 -2.53
C LYS A 28 8.67 -8.46 -2.62
N PHE A 29 9.67 -8.20 -1.77
CA PHE A 29 10.89 -9.00 -1.76
C PHE A 29 10.57 -10.48 -1.57
N GLN A 30 9.59 -10.77 -0.72
CA GLN A 30 9.19 -12.16 -0.46
C GLN A 30 8.47 -12.77 -1.65
N ASN A 31 8.03 -11.93 -2.59
CA ASN A 31 7.33 -12.40 -3.78
C ASN A 31 6.01 -13.05 -3.40
N CYS A 32 5.41 -12.60 -2.31
CA CYS A 32 4.14 -13.13 -1.84
C CYS A 32 3.40 -12.12 -0.97
N GLY A 33 3.69 -10.84 -1.18
CA GLY A 33 3.04 -9.80 -0.40
C GLY A 33 3.11 -8.43 -1.05
N THR A 34 1.96 -7.92 -1.49
CA THR A 34 1.91 -6.60 -2.11
C THR A 34 1.40 -5.57 -1.12
N GLY A 35 2.19 -4.52 -0.89
CA GLY A 35 1.80 -3.48 0.03
C GLY A 35 0.82 -2.50 -0.56
N HIS A 36 -0.25 -2.20 0.18
CA HIS A 36 -1.26 -1.27 -0.28
C HIS A 36 -1.76 -0.41 0.88
N CYS A 37 -2.03 0.86 0.59
CA CYS A 37 -2.52 1.78 1.61
C CYS A 37 -4.01 1.61 1.84
N GLU A 38 -4.36 0.70 2.76
CA GLU A 38 -5.76 0.43 3.08
C GLU A 38 -6.25 1.36 4.19
N LYS A 39 -7.55 1.37 4.40
CA LYS A 39 -8.17 2.20 5.43
C LYS A 39 -9.38 1.52 6.04
N ARG A 40 -9.46 1.50 7.37
CA ARG A 40 -10.57 0.89 8.06
C ARG A 40 -11.35 1.91 8.88
N GLY A 41 -10.90 2.17 10.11
CA GLY A 41 -11.57 3.14 10.95
C GLY A 41 -11.01 4.54 10.78
N GLY A 42 -10.72 4.92 9.53
CA GLY A 42 -10.19 6.22 9.26
C GLY A 42 -8.69 6.28 9.50
N ARG A 43 -8.02 5.15 9.32
CA ARG A 43 -6.58 5.08 9.53
C ARG A 43 -5.92 4.24 8.44
N PRO A 44 -4.71 4.63 7.99
CA PRO A 44 -3.98 3.90 6.95
C PRO A 44 -3.46 2.55 7.44
N THR A 45 -3.22 1.64 6.51
CA THR A 45 -2.72 0.31 6.84
C THR A 45 -1.89 -0.25 5.70
N CYS A 46 -0.78 -0.91 6.05
CA CYS A 46 0.11 -1.50 5.06
C CYS A 46 -0.20 -2.99 4.87
N VAL A 47 -1.20 -3.28 4.04
CA VAL A 47 -1.58 -4.66 3.76
C VAL A 47 -0.64 -5.30 2.76
N CYS A 48 0.07 -6.35 3.18
CA CYS A 48 1.01 -7.04 2.31
C CYS A 48 0.54 -8.46 2.01
N ASP A 49 0.06 -8.66 0.78
CA ASP A 49 -0.41 -9.98 0.36
C ASP A 49 -0.34 -10.11 -1.16
N ARG A 50 0.45 -11.05 -1.64
CA ARG A 50 0.61 -11.26 -3.07
C ARG A 50 1.17 -12.64 -3.37
N CYS A 51 0.77 -13.62 -2.57
CA CYS A 51 1.24 -14.99 -2.76
C CYS A 51 0.28 -15.78 -3.65
N GLY A 52 0.02 -15.24 -4.84
CA GLY A 52 -0.89 -15.90 -5.77
C GLY A 52 -1.87 -14.94 -6.40
N ARG A 53 -3.15 -15.13 -6.09
CA ARG A 53 -4.20 -14.28 -6.63
C ARG A 53 -4.23 -14.35 -8.16
N ALA A 1 1.00 2.11 -10.26
CA ALA A 1 -0.17 2.74 -9.61
C ALA A 1 -0.36 4.18 -10.09
N VAL A 2 -1.16 4.35 -11.13
CA VAL A 2 -1.43 5.66 -11.69
C VAL A 2 -2.86 6.12 -11.37
N ASP A 3 -3.81 5.19 -11.50
CA ASP A 3 -5.21 5.50 -11.23
C ASP A 3 -5.68 4.80 -9.95
N PHE A 4 -5.21 3.59 -9.74
CA PHE A 4 -5.58 2.81 -8.56
C PHE A 4 -4.95 3.40 -7.30
N SER A 5 -5.66 4.31 -6.66
CA SER A 5 -5.17 4.96 -5.45
C SER A 5 -5.82 4.35 -4.21
N SER A 6 -5.51 4.91 -3.05
CA SER A 6 -6.06 4.42 -1.78
C SER A 6 -5.60 5.29 -0.61
N CYS A 7 -4.33 5.66 -0.65
CA CYS A 7 -3.75 6.49 0.41
C CYS A 7 -3.83 7.97 0.06
N ALA A 8 -4.99 8.40 -0.41
CA ALA A 8 -5.21 9.79 -0.79
C ALA A 8 -5.23 10.71 0.43
N ARG A 9 -5.49 10.13 1.60
CA ARG A 9 -5.55 10.90 2.84
C ARG A 9 -4.29 11.74 3.02
N MET A 10 -3.13 11.09 2.94
CA MET A 10 -1.85 11.78 3.10
C MET A 10 -1.75 12.44 4.46
N ASP A 11 -2.19 11.71 5.49
CA ASP A 11 -2.15 12.22 6.86
C ASP A 11 -0.71 12.29 7.37
N VAL A 12 0.16 11.45 6.81
CA VAL A 12 1.56 11.42 7.22
C VAL A 12 2.20 12.80 7.11
N PRO A 13 3.29 13.05 7.87
CA PRO A 13 4.00 14.32 7.86
C PRO A 13 4.31 14.80 6.46
N GLY A 14 4.53 13.86 5.55
CA GLY A 14 4.84 14.21 4.17
C GLY A 14 5.74 13.19 3.50
N LEU A 15 5.47 11.91 3.73
CA LEU A 15 6.27 10.84 3.13
C LEU A 15 5.38 9.68 2.69
N SER A 16 4.09 9.95 2.49
CA SER A 16 3.15 8.92 2.07
C SER A 16 3.65 8.19 0.82
N LYS A 17 4.42 8.91 0.00
CA LYS A 17 4.96 8.33 -1.23
C LYS A 17 6.04 7.30 -0.93
N VAL A 18 7.01 7.70 -0.11
CA VAL A 18 8.11 6.81 0.26
C VAL A 18 7.64 5.71 1.21
N ALA A 19 6.61 6.03 1.99
CA ALA A 19 6.06 5.07 2.95
C ALA A 19 5.46 3.86 2.23
N GLN A 20 4.89 4.10 1.06
CA GLN A 20 4.30 3.03 0.27
C GLN A 20 5.35 2.45 -0.66
N GLY A 21 6.40 3.23 -0.91
CA GLY A 21 7.45 2.78 -1.77
C GLY A 21 8.30 1.72 -1.10
N LEU A 22 8.48 1.88 0.21
CA LEU A 22 9.26 0.94 1.00
C LEU A 22 8.40 -0.24 1.43
N CYS A 23 7.15 0.03 1.79
CA CYS A 23 6.24 -1.03 2.21
C CYS A 23 6.00 -2.00 1.06
N ILE A 24 5.86 -1.46 -0.15
CA ILE A 24 5.62 -2.26 -1.33
C ILE A 24 6.86 -3.06 -1.72
N SER A 25 8.01 -2.39 -1.81
CA SER A 25 9.26 -3.04 -2.18
C SER A 25 9.65 -4.10 -1.15
N SER A 26 9.64 -3.72 0.12
CA SER A 26 9.99 -4.63 1.20
C SER A 26 9.12 -5.88 1.18
N CYS A 27 7.84 -5.70 0.85
CA CYS A 27 6.90 -6.81 0.79
C CYS A 27 6.96 -7.51 -0.58
N LYS A 28 7.66 -6.90 -1.53
CA LYS A 28 7.77 -7.49 -2.87
C LYS A 28 8.92 -8.48 -2.93
N PHE A 29 9.92 -8.29 -2.05
CA PHE A 29 11.07 -9.18 -2.00
C PHE A 29 10.66 -10.63 -1.81
N GLN A 30 9.53 -10.84 -1.14
CA GLN A 30 9.02 -12.18 -0.88
C GLN A 30 8.24 -12.72 -2.09
N ASN A 31 7.83 -11.82 -2.99
CA ASN A 31 7.08 -12.21 -4.16
C ASN A 31 5.77 -12.89 -3.77
N CYS A 32 5.25 -12.53 -2.60
CA CYS A 32 4.01 -13.10 -2.09
C CYS A 32 3.30 -12.11 -1.17
N GLY A 33 3.57 -10.84 -1.36
CA GLY A 33 2.94 -9.81 -0.53
C GLY A 33 2.97 -8.43 -1.15
N THR A 34 1.80 -7.94 -1.55
CA THR A 34 1.70 -6.62 -2.15
C THR A 34 1.21 -5.60 -1.13
N GLY A 35 1.97 -4.54 -0.94
CA GLY A 35 1.59 -3.52 0.03
C GLY A 35 0.55 -2.55 -0.52
N HIS A 36 -0.47 -2.29 0.28
CA HIS A 36 -1.54 -1.38 -0.12
C HIS A 36 -2.07 -0.60 1.07
N CYS A 37 -2.42 0.66 0.84
CA CYS A 37 -2.94 1.51 1.91
C CYS A 37 -4.42 1.22 2.16
N GLU A 38 -4.69 0.40 3.17
CA GLU A 38 -6.05 0.05 3.52
C GLU A 38 -6.57 0.93 4.65
N LYS A 39 -7.77 1.49 4.46
CA LYS A 39 -8.36 2.35 5.47
C LYS A 39 -9.79 1.90 5.79
N ARG A 40 -10.06 1.70 7.08
CA ARG A 40 -11.38 1.27 7.52
C ARG A 40 -12.01 2.30 8.44
N GLY A 41 -11.63 2.28 9.71
CA GLY A 41 -12.17 3.23 10.67
C GLY A 41 -11.34 4.49 10.74
N GLY A 42 -11.01 5.06 9.59
CA GLY A 42 -10.21 6.26 9.55
C GLY A 42 -8.77 6.02 9.96
N ARG A 43 -8.28 4.82 9.67
CA ARG A 43 -6.91 4.44 10.02
C ARG A 43 -6.25 3.65 8.90
N PRO A 44 -5.28 4.25 8.18
CA PRO A 44 -4.58 3.58 7.09
C PRO A 44 -3.58 2.54 7.58
N THR A 45 -3.39 1.49 6.80
CA THR A 45 -2.46 0.42 7.16
C THR A 45 -1.70 -0.08 5.93
N CYS A 46 -0.75 -0.99 6.15
CA CYS A 46 0.03 -1.54 5.07
C CYS A 46 -0.21 -3.04 4.93
N VAL A 47 -1.24 -3.41 4.18
CA VAL A 47 -1.58 -4.81 3.96
C VAL A 47 -0.68 -5.41 2.89
N CYS A 48 0.05 -6.46 3.25
CA CYS A 48 0.95 -7.13 2.32
C CYS A 48 0.49 -8.55 2.02
N ASP A 49 0.01 -8.76 0.80
CA ASP A 49 -0.46 -10.07 0.37
C ASP A 49 -0.46 -10.17 -1.16
N ARG A 50 0.32 -11.09 -1.69
CA ARG A 50 0.41 -11.26 -3.14
C ARG A 50 0.97 -12.63 -3.51
N CYS A 51 0.64 -13.64 -2.70
CA CYS A 51 1.12 -14.99 -2.94
C CYS A 51 0.14 -15.76 -3.83
N GLY A 52 0.69 -16.53 -4.76
CA GLY A 52 -0.15 -17.31 -5.66
C GLY A 52 0.36 -17.31 -7.09
N ARG A 53 0.72 -18.49 -7.59
CA ARG A 53 1.23 -18.62 -8.94
C ARG A 53 2.52 -17.83 -9.12
N ALA A 1 -15.90 -1.65 -10.19
CA ALA A 1 -15.10 -2.67 -9.45
C ALA A 1 -14.04 -2.01 -8.57
N VAL A 2 -14.31 -1.98 -7.28
CA VAL A 2 -13.39 -1.38 -6.32
C VAL A 2 -12.30 -2.37 -5.91
N ASP A 3 -11.54 -2.85 -6.89
CA ASP A 3 -10.48 -3.81 -6.64
C ASP A 3 -9.20 -3.42 -7.38
N PHE A 4 -8.93 -2.11 -7.43
CA PHE A 4 -7.74 -1.61 -8.11
C PHE A 4 -7.37 -0.23 -7.61
N SER A 5 -7.57 0.00 -6.31
CA SER A 5 -7.25 1.29 -5.69
C SER A 5 -6.95 1.12 -4.21
N SER A 6 -6.02 1.94 -3.71
CA SER A 6 -5.64 1.88 -2.31
C SER A 6 -5.77 3.25 -1.64
N CYS A 7 -4.84 4.16 -1.98
CA CYS A 7 -4.86 5.50 -1.42
C CYS A 7 -5.42 6.50 -2.43
N ALA A 8 -6.42 6.08 -3.19
CA ALA A 8 -7.05 6.93 -4.19
C ALA A 8 -7.60 8.20 -3.56
N ARG A 9 -7.99 8.12 -2.30
CA ARG A 9 -8.54 9.26 -1.58
C ARG A 9 -7.53 10.42 -1.54
N MET A 10 -6.25 10.07 -1.38
CA MET A 10 -5.20 11.07 -1.33
C MET A 10 -5.41 12.03 -0.16
N ASP A 11 -5.87 11.48 0.97
CA ASP A 11 -6.10 12.28 2.16
C ASP A 11 -5.01 12.07 3.19
N VAL A 12 -3.79 11.84 2.71
CA VAL A 12 -2.65 11.62 3.58
C VAL A 12 -1.90 12.92 3.85
N PRO A 13 -1.22 13.01 5.00
CA PRO A 13 -0.46 14.20 5.39
C PRO A 13 0.60 14.58 4.34
N GLY A 14 1.17 13.58 3.69
CA GLY A 14 2.18 13.83 2.68
C GLY A 14 3.33 12.85 2.72
N LEU A 15 3.01 11.57 2.91
CA LEU A 15 4.03 10.52 2.96
C LEU A 15 3.45 9.18 2.55
N SER A 16 2.38 9.22 1.76
CA SER A 16 1.74 7.99 1.28
C SER A 16 2.51 7.37 0.13
N LYS A 17 3.25 8.20 -0.60
CA LYS A 17 4.04 7.73 -1.74
C LYS A 17 5.24 6.92 -1.26
N VAL A 18 6.06 7.55 -0.43
CA VAL A 18 7.25 6.88 0.11
C VAL A 18 6.88 5.70 0.99
N ALA A 19 5.86 5.90 1.83
CA ALA A 19 5.39 4.86 2.72
C ALA A 19 4.86 3.65 1.94
N GLN A 20 4.47 3.89 0.69
CA GLN A 20 3.96 2.83 -0.16
C GLN A 20 5.11 2.24 -0.95
N GLY A 21 6.17 3.04 -1.13
CA GLY A 21 7.31 2.58 -1.85
C GLY A 21 8.12 1.59 -1.04
N LEU A 22 8.12 1.79 0.26
CA LEU A 22 8.83 0.92 1.19
C LEU A 22 7.97 -0.29 1.55
N CYS A 23 6.68 -0.06 1.72
CA CYS A 23 5.76 -1.14 2.05
C CYS A 23 5.66 -2.14 0.90
N ILE A 24 5.70 -1.62 -0.32
CA ILE A 24 5.61 -2.46 -1.52
C ILE A 24 6.89 -3.24 -1.75
N SER A 25 8.04 -2.55 -1.70
CA SER A 25 9.33 -3.19 -1.92
C SER A 25 9.65 -4.16 -0.79
N SER A 26 9.51 -3.68 0.44
CA SER A 26 9.79 -4.50 1.62
C SER A 26 8.99 -5.81 1.58
N CYS A 27 7.71 -5.71 1.23
CA CYS A 27 6.85 -6.88 1.16
C CYS A 27 6.94 -7.58 -0.20
N LYS A 28 7.68 -6.96 -1.14
CA LYS A 28 7.84 -7.53 -2.46
C LYS A 28 8.98 -8.55 -2.48
N PHE A 29 9.93 -8.37 -1.56
CA PHE A 29 11.09 -9.27 -1.48
C PHE A 29 10.64 -10.74 -1.39
N GLN A 30 9.56 -10.98 -0.66
CA GLN A 30 9.04 -12.33 -0.50
C GLN A 30 8.44 -12.85 -1.81
N ASN A 31 8.13 -11.94 -2.73
CA ASN A 31 7.55 -12.32 -4.01
C ASN A 31 6.17 -12.94 -3.83
N CYS A 32 5.47 -12.49 -2.79
CA CYS A 32 4.13 -13.00 -2.50
C CYS A 32 3.39 -12.04 -1.58
N GLY A 33 3.71 -10.75 -1.69
CA GLY A 33 3.06 -9.76 -0.85
C GLY A 33 3.18 -8.35 -1.41
N THR A 34 2.05 -7.76 -1.79
CA THR A 34 2.05 -6.41 -2.32
C THR A 34 1.55 -5.43 -1.25
N GLY A 35 2.33 -4.37 -1.03
CA GLY A 35 1.96 -3.38 -0.03
C GLY A 35 0.92 -2.40 -0.52
N HIS A 36 -0.12 -2.19 0.29
CA HIS A 36 -1.19 -1.27 -0.07
C HIS A 36 -1.65 -0.48 1.15
N CYS A 37 -1.62 0.85 1.04
CA CYS A 37 -2.03 1.72 2.14
C CYS A 37 -3.55 1.83 2.20
N GLU A 38 -4.16 0.97 3.02
CA GLU A 38 -5.61 0.97 3.18
C GLU A 38 -6.01 1.65 4.50
N LYS A 39 -7.31 1.81 4.69
CA LYS A 39 -7.83 2.44 5.90
C LYS A 39 -9.29 2.07 6.12
N ARG A 40 -9.60 1.55 7.30
CA ARG A 40 -10.97 1.16 7.63
C ARG A 40 -11.62 2.19 8.54
N GLY A 41 -11.41 2.06 9.85
CA GLY A 41 -11.98 3.00 10.79
C GLY A 41 -11.07 4.18 11.07
N GLY A 42 -10.43 4.68 10.02
CA GLY A 42 -9.53 5.81 10.17
C GLY A 42 -8.17 5.37 10.68
N ARG A 43 -7.78 4.15 10.33
CA ARG A 43 -6.49 3.61 10.77
C ARG A 43 -5.68 3.11 9.58
N PRO A 44 -4.77 3.94 9.04
CA PRO A 44 -3.92 3.57 7.91
C PRO A 44 -3.15 2.29 8.17
N THR A 45 -3.37 1.29 7.32
CA THR A 45 -2.69 0.01 7.44
C THR A 45 -1.95 -0.37 6.17
N CYS A 46 -0.96 -1.24 6.28
CA CYS A 46 -0.18 -1.68 5.13
C CYS A 46 -0.38 -3.17 4.88
N VAL A 47 -1.31 -3.50 3.99
CA VAL A 47 -1.60 -4.88 3.66
C VAL A 47 -0.58 -5.44 2.67
N CYS A 48 -0.03 -6.61 2.98
CA CYS A 48 0.96 -7.23 2.11
C CYS A 48 0.50 -8.62 1.65
N ASP A 49 0.06 -8.69 0.41
CA ASP A 49 -0.41 -9.95 -0.16
C ASP A 49 -0.31 -9.93 -1.68
N ARG A 50 0.48 -10.85 -2.24
CA ARG A 50 0.66 -10.90 -3.69
C ARG A 50 1.19 -12.27 -4.12
N CYS A 51 0.74 -13.32 -3.44
CA CYS A 51 1.18 -14.67 -3.76
C CYS A 51 0.24 -15.32 -4.77
N GLY A 52 -0.01 -14.62 -5.88
CA GLY A 52 -0.90 -15.13 -6.91
C GLY A 52 -2.36 -14.94 -6.57
N ARG A 53 -2.81 -13.70 -6.63
CA ARG A 53 -4.21 -13.38 -6.33
C ARG A 53 -4.55 -11.96 -6.76
N ALA A 1 -12.72 -0.07 -13.77
CA ALA A 1 -11.91 -0.22 -12.54
C ALA A 1 -10.46 -0.57 -12.88
N VAL A 2 -9.99 -0.07 -14.01
CA VAL A 2 -8.63 -0.32 -14.45
C VAL A 2 -7.70 0.82 -14.04
N ASP A 3 -8.11 2.04 -14.34
CA ASP A 3 -7.31 3.22 -14.00
C ASP A 3 -8.12 4.19 -13.15
N PHE A 4 -9.00 3.65 -12.31
CA PHE A 4 -9.83 4.46 -11.44
C PHE A 4 -9.35 4.37 -9.99
N SER A 5 -8.81 3.22 -9.63
CA SER A 5 -8.31 3.01 -8.28
C SER A 5 -7.18 3.98 -7.94
N SER A 6 -7.20 4.52 -6.73
CA SER A 6 -6.19 5.47 -6.30
C SER A 6 -6.19 5.59 -4.77
N CYS A 7 -5.71 4.55 -4.10
CA CYS A 7 -5.65 4.53 -2.65
C CYS A 7 -7.03 4.72 -2.03
N ALA A 8 -8.07 4.44 -2.81
CA ALA A 8 -9.44 4.58 -2.35
C ALA A 8 -9.69 5.95 -1.72
N ARG A 9 -8.92 6.94 -2.18
CA ARG A 9 -9.06 8.31 -1.67
C ARG A 9 -8.50 9.32 -2.67
N MET A 10 -7.29 9.05 -3.15
CA MET A 10 -6.64 9.95 -4.11
C MET A 10 -6.39 11.32 -3.49
N ASP A 11 -5.98 11.33 -2.23
CA ASP A 11 -5.72 12.58 -1.53
C ASP A 11 -4.56 12.40 -0.53
N VAL A 12 -3.44 11.89 -1.03
CA VAL A 12 -2.27 11.66 -0.18
C VAL A 12 -1.66 12.99 0.27
N PRO A 13 -1.17 13.05 1.52
CA PRO A 13 -0.56 14.27 2.07
C PRO A 13 0.83 14.53 1.52
N GLY A 14 1.64 13.48 1.42
CA GLY A 14 2.99 13.64 0.90
C GLY A 14 3.90 12.48 1.27
N LEU A 15 3.57 11.78 2.36
CA LEU A 15 4.37 10.66 2.82
C LEU A 15 3.68 9.32 2.54
N SER A 16 2.41 9.38 2.14
CA SER A 16 1.65 8.17 1.85
C SER A 16 2.29 7.39 0.71
N LYS A 17 3.00 8.10 -0.17
CA LYS A 17 3.66 7.48 -1.31
C LYS A 17 4.94 6.77 -0.86
N VAL A 18 5.79 7.49 -0.15
CA VAL A 18 7.04 6.93 0.34
C VAL A 18 6.80 5.74 1.26
N ALA A 19 5.76 5.84 2.08
CA ALA A 19 5.41 4.77 3.00
C ALA A 19 4.93 3.53 2.26
N GLN A 20 4.46 3.74 1.02
CA GLN A 20 3.99 2.65 0.20
C GLN A 20 5.13 2.13 -0.64
N GLY A 21 6.12 3.00 -0.88
CA GLY A 21 7.26 2.61 -1.66
C GLY A 21 8.12 1.60 -0.92
N LEU A 22 8.18 1.77 0.39
CA LEU A 22 8.94 0.88 1.25
C LEU A 22 8.12 -0.35 1.60
N CYS A 23 6.84 -0.14 1.89
CA CYS A 23 5.95 -1.23 2.24
C CYS A 23 5.79 -2.19 1.07
N ILE A 24 5.77 -1.63 -0.15
CA ILE A 24 5.62 -2.43 -1.36
C ILE A 24 6.91 -3.18 -1.68
N SER A 25 8.03 -2.49 -1.62
CA SER A 25 9.33 -3.11 -1.91
C SER A 25 9.68 -4.17 -0.88
N SER A 26 9.60 -3.80 0.39
CA SER A 26 9.92 -4.72 1.48
C SER A 26 9.04 -5.97 1.41
N CYS A 27 7.77 -5.79 1.10
CA CYS A 27 6.84 -6.91 1.01
C CYS A 27 6.89 -7.59 -0.36
N LYS A 28 7.58 -6.96 -1.31
CA LYS A 28 7.71 -7.53 -2.65
C LYS A 28 8.84 -8.55 -2.70
N PHE A 29 9.83 -8.37 -1.83
CA PHE A 29 10.98 -9.28 -1.79
C PHE A 29 10.53 -10.73 -1.61
N GLN A 30 9.36 -10.92 -1.01
CA GLN A 30 8.81 -12.26 -0.79
C GLN A 30 8.01 -12.74 -1.99
N ASN A 31 7.67 -11.82 -2.89
CA ASN A 31 6.89 -12.17 -4.08
C ASN A 31 5.57 -12.82 -3.71
N CYS A 32 5.08 -12.49 -2.52
CA CYS A 32 3.81 -13.03 -2.03
C CYS A 32 3.10 -12.03 -1.13
N GLY A 33 3.44 -10.75 -1.27
CA GLY A 33 2.83 -9.72 -0.46
C GLY A 33 2.97 -8.33 -1.05
N THR A 34 1.87 -7.77 -1.53
CA THR A 34 1.88 -6.44 -2.11
C THR A 34 1.42 -5.41 -1.09
N GLY A 35 2.25 -4.41 -0.84
CA GLY A 35 1.91 -3.38 0.12
C GLY A 35 0.98 -2.33 -0.45
N HIS A 36 -0.25 -2.30 0.03
CA HIS A 36 -1.24 -1.34 -0.44
C HIS A 36 -1.70 -0.44 0.71
N CYS A 37 -2.08 0.79 0.37
CA CYS A 37 -2.54 1.75 1.35
C CYS A 37 -4.02 1.55 1.65
N GLU A 38 -4.31 0.61 2.55
CA GLU A 38 -5.69 0.33 2.93
C GLU A 38 -6.18 1.32 3.99
N LYS A 39 -7.40 1.10 4.47
CA LYS A 39 -7.98 1.98 5.48
C LYS A 39 -9.04 1.24 6.30
N ARG A 40 -9.06 1.49 7.61
CA ARG A 40 -10.02 0.85 8.49
C ARG A 40 -10.92 1.89 9.17
N GLY A 41 -10.47 2.41 10.30
CA GLY A 41 -11.25 3.42 11.01
C GLY A 41 -10.92 4.82 10.56
N GLY A 42 -10.52 4.98 9.31
CA GLY A 42 -10.18 6.28 8.78
C GLY A 42 -8.68 6.56 8.88
N ARG A 43 -7.88 5.49 8.83
CA ARG A 43 -6.44 5.62 8.92
C ARG A 43 -5.75 4.72 7.90
N PRO A 44 -4.59 5.15 7.36
CA PRO A 44 -3.84 4.36 6.38
C PRO A 44 -3.28 3.07 6.96
N THR A 45 -3.19 2.04 6.13
CA THR A 45 -2.67 0.74 6.57
C THR A 45 -1.77 0.14 5.51
N CYS A 46 -0.80 -0.67 5.96
CA CYS A 46 0.13 -1.31 5.04
C CYS A 46 -0.18 -2.79 4.87
N VAL A 47 -1.18 -3.09 4.05
CA VAL A 47 -1.58 -4.47 3.81
C VAL A 47 -0.66 -5.13 2.79
N CYS A 48 -0.03 -6.23 3.18
CA CYS A 48 0.87 -6.94 2.29
C CYS A 48 0.33 -8.33 1.94
N ASP A 49 -0.10 -8.49 0.70
CA ASP A 49 -0.65 -9.76 0.23
C ASP A 49 -0.56 -9.85 -1.29
N ARG A 50 0.21 -10.82 -1.79
CA ARG A 50 0.39 -11.00 -3.22
C ARG A 50 0.89 -12.40 -3.53
N CYS A 51 0.46 -13.38 -2.75
CA CYS A 51 0.87 -14.76 -2.94
C CYS A 51 -0.13 -15.50 -3.83
N GLY A 52 -0.51 -14.88 -4.94
CA GLY A 52 -1.47 -15.50 -5.85
C GLY A 52 -2.88 -15.02 -5.61
N ARG A 53 -3.35 -15.15 -4.38
CA ARG A 53 -4.71 -14.73 -4.03
C ARG A 53 -4.67 -13.57 -3.05
N ALA A 1 1.55 8.33 -17.91
CA ALA A 1 1.56 7.13 -17.03
C ALA A 1 0.24 6.97 -16.28
N VAL A 2 0.06 5.81 -15.66
CA VAL A 2 -1.16 5.54 -14.91
C VAL A 2 -0.84 5.08 -13.49
N ASP A 3 -1.53 5.66 -12.51
CA ASP A 3 -1.32 5.30 -11.12
C ASP A 3 -2.33 4.26 -10.67
N PHE A 4 -3.60 4.55 -10.89
CA PHE A 4 -4.67 3.62 -10.50
C PHE A 4 -4.66 3.39 -8.99
N SER A 5 -4.27 4.40 -8.24
CA SER A 5 -4.22 4.31 -6.78
C SER A 5 -5.32 5.13 -6.14
N SER A 6 -6.41 4.48 -5.77
CA SER A 6 -7.54 5.16 -5.15
C SER A 6 -7.46 5.05 -3.62
N CYS A 7 -6.85 3.98 -3.14
CA CYS A 7 -6.70 3.75 -1.71
C CYS A 7 -8.07 3.59 -1.04
N ALA A 8 -9.08 3.21 -1.82
CA ALA A 8 -10.42 3.02 -1.29
C ALA A 8 -10.92 4.25 -0.55
N ARG A 9 -10.36 5.41 -0.89
CA ARG A 9 -10.75 6.67 -0.25
C ARG A 9 -9.94 7.84 -0.79
N MET A 10 -8.63 7.64 -0.88
CA MET A 10 -7.73 8.67 -1.39
C MET A 10 -7.69 9.87 -0.43
N ASP A 11 -7.51 9.58 0.85
CA ASP A 11 -7.45 10.63 1.87
C ASP A 11 -6.14 10.55 2.64
N VAL A 12 -5.07 10.16 1.96
CA VAL A 12 -3.76 10.04 2.59
C VAL A 12 -3.24 11.40 3.05
N PRO A 13 -2.34 11.41 4.05
CA PRO A 13 -1.77 12.65 4.58
C PRO A 13 -0.85 13.34 3.58
N GLY A 14 -0.09 12.56 2.82
CA GLY A 14 0.81 13.12 1.84
C GLY A 14 2.08 12.30 1.67
N LEU A 15 2.36 11.42 2.63
CA LEU A 15 3.55 10.58 2.58
C LEU A 15 3.18 9.13 2.25
N SER A 16 2.06 8.95 1.56
CA SER A 16 1.60 7.62 1.19
C SER A 16 2.46 7.05 0.05
N LYS A 17 3.07 7.93 -0.73
CA LYS A 17 3.91 7.51 -1.84
C LYS A 17 5.16 6.80 -1.34
N VAL A 18 5.87 7.44 -0.43
CA VAL A 18 7.08 6.87 0.14
C VAL A 18 6.76 5.71 1.07
N ALA A 19 5.70 5.88 1.87
CA ALA A 19 5.28 4.84 2.81
C ALA A 19 4.77 3.61 2.06
N GLN A 20 4.32 3.81 0.82
CA GLN A 20 3.82 2.73 0.01
C GLN A 20 4.96 2.18 -0.84
N GLY A 21 5.96 3.02 -1.06
CA GLY A 21 7.10 2.61 -1.84
C GLY A 21 7.97 1.64 -1.08
N LEU A 22 8.02 1.84 0.23
CA LEU A 22 8.81 0.98 1.11
C LEU A 22 8.00 -0.24 1.53
N CYS A 23 6.71 -0.03 1.82
CA CYS A 23 5.83 -1.12 2.22
C CYS A 23 5.70 -2.14 1.10
N ILE A 24 5.70 -1.65 -0.14
CA ILE A 24 5.59 -2.51 -1.31
C ILE A 24 6.91 -3.23 -1.58
N SER A 25 8.01 -2.48 -1.58
CA SER A 25 9.32 -3.06 -1.83
C SER A 25 9.68 -4.10 -0.78
N SER A 26 9.59 -3.69 0.49
CA SER A 26 9.90 -4.59 1.61
C SER A 26 9.08 -5.87 1.56
N CYS A 27 7.78 -5.72 1.33
CA CYS A 27 6.89 -6.87 1.26
C CYS A 27 6.98 -7.58 -0.08
N LYS A 28 7.70 -6.99 -1.03
CA LYS A 28 7.87 -7.58 -2.35
C LYS A 28 9.06 -8.54 -2.37
N PHE A 29 10.02 -8.30 -1.47
CA PHE A 29 11.21 -9.15 -1.38
C PHE A 29 10.85 -10.62 -1.30
N GLN A 30 9.65 -10.91 -0.78
CA GLN A 30 9.20 -12.29 -0.66
C GLN A 30 8.57 -12.79 -1.97
N ASN A 31 8.27 -11.86 -2.87
CA ASN A 31 7.66 -12.22 -4.16
C ASN A 31 6.28 -12.84 -3.95
N CYS A 32 5.58 -12.39 -2.91
CA CYS A 32 4.25 -12.90 -2.62
C CYS A 32 3.49 -11.94 -1.70
N GLY A 33 3.82 -10.64 -1.81
CA GLY A 33 3.15 -9.66 -0.98
C GLY A 33 3.28 -8.25 -1.53
N THR A 34 2.15 -7.67 -1.96
CA THR A 34 2.15 -6.32 -2.49
C THR A 34 1.64 -5.34 -1.44
N GLY A 35 2.33 -4.22 -1.30
CA GLY A 35 1.92 -3.22 -0.32
C GLY A 35 0.78 -2.35 -0.80
N HIS A 36 -0.23 -2.19 0.06
CA HIS A 36 -1.39 -1.38 -0.27
C HIS A 36 -1.86 -0.59 0.95
N CYS A 37 -2.26 0.66 0.72
CA CYS A 37 -2.73 1.52 1.80
C CYS A 37 -4.17 1.19 2.17
N GLU A 38 -4.35 0.27 3.11
CA GLU A 38 -5.68 -0.13 3.54
C GLU A 38 -6.06 0.60 4.83
N LYS A 39 -6.97 1.56 4.71
CA LYS A 39 -7.42 2.33 5.87
C LYS A 39 -8.94 2.23 6.04
N ARG A 40 -9.40 2.53 7.25
CA ARG A 40 -10.82 2.46 7.56
C ARG A 40 -11.22 3.59 8.50
N GLY A 41 -10.96 3.40 9.78
CA GLY A 41 -11.30 4.42 10.77
C GLY A 41 -10.16 5.41 11.00
N GLY A 42 -9.48 5.79 9.92
CA GLY A 42 -8.37 6.72 10.04
C GLY A 42 -7.08 6.03 10.42
N ARG A 43 -6.92 4.78 9.99
CA ARG A 43 -5.72 4.01 10.29
C ARG A 43 -5.10 3.44 9.02
N PRO A 44 -4.06 4.10 8.47
CA PRO A 44 -3.40 3.64 7.25
C PRO A 44 -2.60 2.36 7.47
N THR A 45 -3.25 1.21 7.23
CA THR A 45 -2.61 -0.08 7.41
C THR A 45 -1.86 -0.49 6.15
N CYS A 46 -0.74 -1.17 6.33
CA CYS A 46 0.08 -1.63 5.21
C CYS A 46 -0.12 -3.12 4.96
N VAL A 47 -1.08 -3.44 4.09
CA VAL A 47 -1.37 -4.83 3.76
C VAL A 47 -0.37 -5.36 2.74
N CYS A 48 0.05 -6.62 2.92
CA CYS A 48 1.01 -7.24 2.00
C CYS A 48 0.50 -8.59 1.53
N ASP A 49 0.15 -8.67 0.25
CA ASP A 49 -0.34 -9.91 -0.34
C ASP A 49 -0.21 -9.87 -1.86
N ARG A 50 0.59 -10.78 -2.41
CA ARG A 50 0.80 -10.83 -3.85
C ARG A 50 1.35 -12.18 -4.28
N CYS A 51 0.93 -13.24 -3.59
CA CYS A 51 1.36 -14.59 -3.90
C CYS A 51 0.45 -15.23 -4.94
N GLY A 52 1.03 -15.66 -6.06
CA GLY A 52 0.26 -16.29 -7.10
C GLY A 52 0.99 -17.45 -7.76
N ARG A 53 0.73 -18.66 -7.27
CA ARG A 53 1.38 -19.85 -7.81
C ARG A 53 0.39 -20.68 -8.61
N ALA A 1 -8.25 11.01 -11.08
CA ALA A 1 -8.81 9.72 -11.56
C ALA A 1 -7.85 9.03 -12.52
N VAL A 2 -7.09 8.07 -11.99
CA VAL A 2 -6.12 7.34 -12.80
C VAL A 2 -5.03 8.26 -13.34
N ASP A 3 -4.00 8.48 -12.53
CA ASP A 3 -2.89 9.34 -12.92
C ASP A 3 -1.56 8.62 -12.78
N PHE A 4 -1.26 8.16 -11.57
CA PHE A 4 -0.02 7.44 -11.31
C PHE A 4 0.07 7.01 -9.84
N SER A 5 -1.07 6.63 -9.27
CA SER A 5 -1.13 6.20 -7.88
C SER A 5 -2.54 5.84 -7.48
N SER A 6 -2.68 5.11 -6.37
CA SER A 6 -3.99 4.70 -5.88
C SER A 6 -4.37 5.49 -4.63
N CYS A 7 -3.38 5.76 -3.78
CA CYS A 7 -3.61 6.51 -2.56
C CYS A 7 -3.91 7.97 -2.86
N ALA A 8 -3.03 8.60 -3.64
CA ALA A 8 -3.21 10.00 -4.01
C ALA A 8 -3.21 10.89 -2.78
N ARG A 9 -2.39 10.54 -1.79
CA ARG A 9 -2.30 11.30 -0.56
C ARG A 9 -3.65 11.34 0.16
N MET A 10 -3.88 10.33 1.00
CA MET A 10 -5.13 10.24 1.75
C MET A 10 -5.07 11.12 2.99
N ASP A 11 -4.12 10.84 3.87
CA ASP A 11 -3.96 11.61 5.10
C ASP A 11 -2.48 11.74 5.46
N VAL A 12 -1.66 12.07 4.47
CA VAL A 12 -0.23 12.23 4.68
C VAL A 12 0.28 13.51 4.02
N PRO A 13 1.15 14.26 4.71
CA PRO A 13 1.71 15.52 4.19
C PRO A 13 2.33 15.34 2.81
N GLY A 14 3.50 14.70 2.77
CA GLY A 14 4.18 14.49 1.51
C GLY A 14 5.21 13.36 1.58
N LEU A 15 4.96 12.39 2.45
CA LEU A 15 5.87 11.26 2.61
C LEU A 15 5.16 9.93 2.35
N SER A 16 3.86 9.99 2.05
CA SER A 16 3.08 8.79 1.77
C SER A 16 3.64 8.04 0.57
N LYS A 17 4.27 8.77 -0.35
CA LYS A 17 4.84 8.16 -1.54
C LYS A 17 5.97 7.21 -1.19
N VAL A 18 6.90 7.68 -0.35
CA VAL A 18 8.03 6.86 0.07
C VAL A 18 7.58 5.78 1.05
N ALA A 19 6.59 6.11 1.87
CA ALA A 19 6.08 5.16 2.85
C ALA A 19 5.45 3.94 2.18
N GLN A 20 4.93 4.15 0.96
CA GLN A 20 4.33 3.06 0.21
C GLN A 20 5.38 2.41 -0.66
N GLY A 21 6.42 3.18 -0.98
CA GLY A 21 7.48 2.65 -1.80
C GLY A 21 8.29 1.61 -1.05
N LEU A 22 8.38 1.79 0.25
CA LEU A 22 9.12 0.88 1.11
C LEU A 22 8.22 -0.27 1.55
N CYS A 23 6.99 0.04 1.95
CA CYS A 23 6.05 -0.98 2.38
C CYS A 23 5.79 -1.99 1.26
N ILE A 24 5.80 -1.50 0.02
CA ILE A 24 5.57 -2.35 -1.14
C ILE A 24 6.83 -3.12 -1.51
N SER A 25 7.97 -2.44 -1.53
CA SER A 25 9.23 -3.08 -1.87
C SER A 25 9.59 -4.18 -0.87
N SER A 26 9.51 -3.85 0.41
CA SER A 26 9.84 -4.80 1.46
C SER A 26 8.86 -5.98 1.45
N CYS A 27 7.58 -5.69 1.37
CA CYS A 27 6.55 -6.73 1.37
C CYS A 27 6.58 -7.53 0.07
N LYS A 28 7.17 -6.96 -0.97
CA LYS A 28 7.27 -7.64 -2.26
C LYS A 28 8.51 -8.53 -2.34
N PHE A 29 9.48 -8.24 -1.48
CA PHE A 29 10.72 -9.01 -1.45
C PHE A 29 10.46 -10.49 -1.22
N GLN A 30 9.37 -10.79 -0.51
CA GLN A 30 9.01 -12.18 -0.21
C GLN A 30 8.31 -12.84 -1.40
N ASN A 31 7.91 -12.02 -2.38
CA ASN A 31 7.24 -12.54 -3.57
C ASN A 31 5.89 -13.17 -3.20
N CYS A 32 5.25 -12.62 -2.17
CA CYS A 32 3.97 -13.12 -1.71
C CYS A 32 3.22 -12.06 -0.89
N GLY A 33 3.50 -10.80 -1.18
CA GLY A 33 2.86 -9.71 -0.45
C GLY A 33 2.91 -8.39 -1.20
N THR A 34 1.75 -7.91 -1.64
CA THR A 34 1.67 -6.64 -2.36
C THR A 34 1.27 -5.53 -1.39
N GLY A 35 2.04 -4.44 -1.42
CA GLY A 35 1.75 -3.32 -0.54
C GLY A 35 0.63 -2.44 -1.05
N HIS A 36 -0.23 -2.00 -0.15
CA HIS A 36 -1.35 -1.15 -0.52
C HIS A 36 -1.81 -0.30 0.68
N CYS A 37 -2.34 0.87 0.39
CA CYS A 37 -2.81 1.78 1.45
C CYS A 37 -4.30 1.56 1.72
N GLU A 38 -4.61 0.50 2.45
CA GLU A 38 -5.99 0.19 2.79
C GLU A 38 -6.47 1.05 3.95
N LYS A 39 -7.64 0.72 4.48
CA LYS A 39 -8.22 1.46 5.60
C LYS A 39 -9.09 0.56 6.47
N ARG A 40 -9.04 0.76 7.78
CA ARG A 40 -9.83 -0.03 8.72
C ARG A 40 -10.76 0.85 9.54
N GLY A 41 -10.22 1.45 10.60
CA GLY A 41 -11.03 2.32 11.44
C GLY A 41 -11.01 3.76 10.99
N GLY A 42 -10.95 3.97 9.67
CA GLY A 42 -10.92 5.31 9.13
C GLY A 42 -9.51 5.85 9.05
N ARG A 43 -8.55 4.97 8.86
CA ARG A 43 -7.15 5.36 8.76
C ARG A 43 -6.37 4.43 7.84
N PRO A 44 -5.37 4.96 7.12
CA PRO A 44 -4.55 4.17 6.19
C PRO A 44 -3.99 2.92 6.85
N THR A 45 -3.55 1.98 6.01
CA THR A 45 -2.98 0.73 6.52
C THR A 45 -2.02 0.12 5.50
N CYS A 46 -0.94 -0.48 5.98
CA CYS A 46 0.04 -1.10 5.12
C CYS A 46 -0.24 -2.59 4.93
N VAL A 47 -1.19 -2.89 4.04
CA VAL A 47 -1.56 -4.27 3.77
C VAL A 47 -0.57 -4.93 2.81
N CYS A 48 -0.18 -6.16 3.12
CA CYS A 48 0.77 -6.89 2.29
C CYS A 48 0.30 -8.31 2.03
N ASP A 49 -0.12 -8.57 0.79
CA ASP A 49 -0.60 -9.90 0.41
C ASP A 49 -0.55 -10.09 -1.10
N ARG A 50 0.26 -11.04 -1.56
CA ARG A 50 0.39 -11.31 -2.97
C ARG A 50 0.98 -12.70 -3.22
N CYS A 51 0.54 -13.67 -2.43
CA CYS A 51 1.02 -15.02 -2.56
C CYS A 51 0.07 -15.86 -3.42
N GLY A 52 0.58 -16.37 -4.53
CA GLY A 52 -0.24 -17.18 -5.42
C GLY A 52 -0.55 -16.46 -6.72
N ARG A 53 -1.29 -15.37 -6.64
CA ARG A 53 -1.66 -14.60 -7.83
C ARG A 53 -0.94 -13.25 -7.84
N ALA A 1 -15.03 -0.15 -3.19
CA ALA A 1 -15.33 1.06 -2.37
C ALA A 1 -15.22 2.33 -3.21
N VAL A 2 -14.02 2.60 -3.70
CA VAL A 2 -13.77 3.79 -4.52
C VAL A 2 -12.83 3.48 -5.67
N ASP A 3 -13.07 4.11 -6.82
CA ASP A 3 -12.23 3.90 -7.99
C ASP A 3 -10.79 4.32 -7.72
N PHE A 4 -9.85 3.55 -8.26
CA PHE A 4 -8.44 3.84 -8.08
C PHE A 4 -8.06 3.81 -6.60
N SER A 5 -6.77 3.66 -6.32
CA SER A 5 -6.28 3.61 -4.95
C SER A 5 -5.67 4.95 -4.54
N SER A 6 -6.49 5.79 -3.92
CA SER A 6 -6.02 7.11 -3.48
C SER A 6 -5.66 7.09 -2.00
N CYS A 7 -5.26 5.91 -1.50
CA CYS A 7 -4.88 5.75 -0.10
C CYS A 7 -6.01 6.18 0.82
N ALA A 8 -7.24 6.06 0.34
CA ALA A 8 -8.42 6.42 1.14
C ALA A 8 -8.26 7.82 1.75
N ARG A 9 -7.47 8.66 1.10
CA ARG A 9 -7.23 10.02 1.58
C ARG A 9 -6.63 10.89 0.49
N MET A 10 -5.44 10.51 0.02
CA MET A 10 -4.76 11.27 -1.02
C MET A 10 -4.60 12.73 -0.64
N ASP A 11 -4.56 12.99 0.66
CA ASP A 11 -4.42 14.35 1.17
C ASP A 11 -2.97 14.67 1.51
N VAL A 12 -2.15 13.63 1.62
CA VAL A 12 -0.73 13.80 1.95
C VAL A 12 0.16 13.33 0.80
N PRO A 13 0.17 14.07 -0.32
CA PRO A 13 0.98 13.72 -1.49
C PRO A 13 2.46 14.07 -1.31
N GLY A 14 3.06 13.50 -0.27
CA GLY A 14 4.47 13.77 0.01
C GLY A 14 5.19 12.54 0.52
N LEU A 15 4.71 11.99 1.64
CA LEU A 15 5.31 10.81 2.24
C LEU A 15 4.54 9.55 1.86
N SER A 16 3.25 9.70 1.57
CA SER A 16 2.41 8.58 1.20
C SER A 16 3.00 7.81 0.02
N LYS A 17 3.77 8.51 -0.81
CA LYS A 17 4.41 7.89 -1.97
C LYS A 17 5.60 7.03 -1.54
N VAL A 18 6.42 7.57 -0.67
CA VAL A 18 7.60 6.87 -0.18
C VAL A 18 7.20 5.77 0.81
N ALA A 19 6.12 6.01 1.54
CA ALA A 19 5.63 5.05 2.52
C ALA A 19 5.08 3.80 1.85
N GLN A 20 4.61 3.96 0.61
CA GLN A 20 4.08 2.85 -0.15
C GLN A 20 5.20 2.24 -0.96
N GLY A 21 6.23 3.03 -1.22
CA GLY A 21 7.36 2.54 -1.97
C GLY A 21 8.20 1.58 -1.16
N LEU A 22 8.23 1.82 0.14
CA LEU A 22 8.98 0.98 1.06
C LEU A 22 8.15 -0.24 1.46
N CYS A 23 6.86 -0.01 1.72
CA CYS A 23 5.97 -1.09 2.12
C CYS A 23 5.81 -2.09 0.96
N ILE A 24 5.76 -1.58 -0.26
CA ILE A 24 5.61 -2.42 -1.44
C ILE A 24 6.89 -3.22 -1.71
N SER A 25 8.02 -2.55 -1.69
CA SER A 25 9.30 -3.21 -1.95
C SER A 25 9.65 -4.19 -0.84
N SER A 26 9.58 -3.72 0.40
CA SER A 26 9.87 -4.56 1.56
C SER A 26 9.07 -5.86 1.53
N CYS A 27 7.79 -5.74 1.17
CA CYS A 27 6.91 -6.91 1.10
C CYS A 27 7.04 -7.63 -0.24
N LYS A 28 7.67 -6.96 -1.21
CA LYS A 28 7.87 -7.55 -2.53
C LYS A 28 8.99 -8.58 -2.51
N PHE A 29 9.92 -8.43 -1.57
CA PHE A 29 11.05 -9.34 -1.44
C PHE A 29 10.59 -10.80 -1.47
N GLN A 30 9.47 -11.07 -0.80
CA GLN A 30 8.93 -12.43 -0.75
C GLN A 30 8.30 -12.84 -2.07
N ASN A 31 8.00 -11.84 -2.91
CA ASN A 31 7.39 -12.10 -4.22
C ASN A 31 6.00 -12.71 -4.06
N CYS A 32 5.31 -12.32 -2.99
CA CYS A 32 3.97 -12.83 -2.72
C CYS A 32 3.21 -11.90 -1.77
N GLY A 33 3.57 -10.62 -1.79
CA GLY A 33 2.91 -9.66 -0.92
C GLY A 33 3.08 -8.22 -1.37
N THR A 34 2.00 -7.61 -1.85
CA THR A 34 2.05 -6.22 -2.29
C THR A 34 1.53 -5.30 -1.19
N GLY A 35 2.34 -4.31 -0.83
CA GLY A 35 1.95 -3.38 0.22
C GLY A 35 0.99 -2.31 -0.28
N HIS A 36 -0.05 -2.04 0.50
CA HIS A 36 -1.04 -1.04 0.15
C HIS A 36 -1.65 -0.40 1.40
N CYS A 37 -1.77 0.92 1.38
CA CYS A 37 -2.33 1.64 2.52
C CYS A 37 -3.86 1.56 2.52
N GLU A 38 -4.40 0.70 3.38
CA GLU A 38 -5.85 0.53 3.48
C GLU A 38 -6.39 1.19 4.74
N LYS A 39 -7.47 1.94 4.58
CA LYS A 39 -8.10 2.64 5.70
C LYS A 39 -9.54 2.19 5.89
N ARG A 40 -9.81 1.50 6.99
CA ARG A 40 -11.15 1.02 7.29
C ARG A 40 -11.88 1.99 8.23
N GLY A 41 -11.61 1.86 9.52
CA GLY A 41 -12.24 2.73 10.49
C GLY A 41 -11.42 3.98 10.76
N GLY A 42 -10.57 4.34 9.81
CA GLY A 42 -9.74 5.51 9.96
C GLY A 42 -8.31 5.16 10.34
N ARG A 43 -7.85 4.00 9.89
CA ARG A 43 -6.50 3.55 10.19
C ARG A 43 -5.79 3.05 8.92
N PRO A 44 -4.79 3.82 8.44
CA PRO A 44 -4.04 3.45 7.24
C PRO A 44 -3.04 2.31 7.50
N THR A 45 -3.52 1.08 7.36
CA THR A 45 -2.68 -0.10 7.57
C THR A 45 -1.93 -0.47 6.30
N CYS A 46 -0.91 -1.31 6.45
CA CYS A 46 -0.12 -1.75 5.29
C CYS A 46 -0.32 -3.24 5.03
N VAL A 47 -1.32 -3.56 4.21
CA VAL A 47 -1.62 -4.94 3.88
C VAL A 47 -0.67 -5.45 2.80
N CYS A 48 -0.15 -6.67 2.99
CA CYS A 48 0.77 -7.26 2.03
C CYS A 48 0.23 -8.58 1.50
N ASP A 49 -0.08 -8.60 0.21
CA ASP A 49 -0.61 -9.79 -0.44
C ASP A 49 -0.42 -9.71 -1.96
N ARG A 50 0.39 -10.61 -2.51
CA ARG A 50 0.65 -10.62 -3.95
C ARG A 50 1.19 -11.97 -4.39
N CYS A 51 0.65 -13.05 -3.82
CA CYS A 51 1.10 -14.39 -4.18
C CYS A 51 0.22 -14.98 -5.28
N GLY A 52 0.61 -14.73 -6.53
CA GLY A 52 -0.14 -15.24 -7.66
C GLY A 52 -1.59 -14.79 -7.65
N ARG A 53 -2.25 -14.92 -8.80
CA ARG A 53 -3.64 -14.51 -8.94
C ARG A 53 -3.82 -13.04 -8.58
N ALA A 1 -18.47 -6.54 -4.93
CA ALA A 1 -17.00 -6.54 -5.14
C ALA A 1 -16.54 -5.26 -5.82
N VAL A 2 -15.50 -4.64 -5.27
CA VAL A 2 -14.96 -3.41 -5.82
C VAL A 2 -13.55 -3.13 -5.28
N ASP A 3 -12.74 -4.18 -5.23
CA ASP A 3 -11.37 -4.05 -4.73
C ASP A 3 -10.37 -4.10 -5.89
N PHE A 4 -9.78 -2.95 -6.20
CA PHE A 4 -8.81 -2.86 -7.29
C PHE A 4 -7.45 -2.41 -6.76
N SER A 5 -7.44 -1.31 -6.00
CA SER A 5 -6.20 -0.79 -5.44
C SER A 5 -6.47 -0.11 -4.09
N SER A 6 -5.40 0.35 -3.45
CA SER A 6 -5.53 1.02 -2.16
C SER A 6 -5.13 2.49 -2.27
N CYS A 7 -3.91 2.74 -2.76
CA CYS A 7 -3.42 4.10 -2.91
C CYS A 7 -3.62 4.58 -4.35
N ALA A 8 -4.74 4.22 -4.94
CA ALA A 8 -5.05 4.61 -6.32
C ALA A 8 -5.94 5.84 -6.36
N ARG A 9 -5.77 6.74 -5.39
CA ARG A 9 -6.56 7.96 -5.33
C ARG A 9 -5.71 9.18 -5.61
N MET A 10 -4.45 9.14 -5.20
CA MET A 10 -3.53 10.25 -5.41
C MET A 10 -4.04 11.51 -4.73
N ASP A 11 -4.67 11.35 -3.57
CA ASP A 11 -5.20 12.49 -2.82
C ASP A 11 -4.41 12.71 -1.54
N VAL A 12 -3.13 12.34 -1.56
CA VAL A 12 -2.26 12.50 -0.39
C VAL A 12 -0.80 12.49 -0.79
N PRO A 13 -0.40 13.38 -1.73
CA PRO A 13 0.98 13.48 -2.20
C PRO A 13 1.89 14.20 -1.20
N GLY A 14 1.93 13.72 0.03
CA GLY A 14 2.75 14.34 1.05
C GLY A 14 3.73 13.37 1.69
N LEU A 15 3.49 12.07 1.53
CA LEU A 15 4.36 11.05 2.09
C LEU A 15 3.88 9.66 1.73
N SER A 16 2.57 9.49 1.62
CA SER A 16 1.97 8.20 1.29
C SER A 16 2.70 7.54 0.12
N LYS A 17 3.26 8.36 -0.76
CA LYS A 17 3.99 7.85 -1.92
C LYS A 17 5.23 7.08 -1.47
N VAL A 18 5.99 7.67 -0.57
CA VAL A 18 7.20 7.04 -0.06
C VAL A 18 6.86 5.92 0.91
N ALA A 19 5.75 6.09 1.63
CA ALA A 19 5.30 5.09 2.60
C ALA A 19 4.84 3.83 1.88
N GLN A 20 4.47 3.96 0.62
CA GLN A 20 4.03 2.83 -0.18
C GLN A 20 5.21 2.25 -0.93
N GLY A 21 6.21 3.10 -1.16
CA GLY A 21 7.38 2.65 -1.86
C GLY A 21 8.16 1.66 -1.03
N LEU A 22 8.17 1.90 0.27
CA LEU A 22 8.87 1.03 1.21
C LEU A 22 7.96 -0.13 1.62
N CYS A 23 6.68 0.18 1.83
CA CYS A 23 5.72 -0.84 2.21
C CYS A 23 5.57 -1.88 1.10
N ILE A 24 5.67 -1.43 -0.14
CA ILE A 24 5.55 -2.32 -1.28
C ILE A 24 6.83 -3.14 -1.45
N SER A 25 7.98 -2.49 -1.34
CA SER A 25 9.26 -3.16 -1.48
C SER A 25 9.42 -4.23 -0.39
N SER A 26 9.06 -3.87 0.83
CA SER A 26 9.16 -4.80 1.95
C SER A 26 8.29 -6.03 1.73
N CYS A 27 7.06 -5.81 1.27
CA CYS A 27 6.14 -6.90 1.01
C CYS A 27 6.56 -7.71 -0.21
N LYS A 28 7.24 -7.04 -1.14
CA LYS A 28 7.69 -7.69 -2.37
C LYS A 28 8.92 -8.57 -2.12
N PHE A 29 9.62 -8.31 -1.02
CA PHE A 29 10.82 -9.08 -0.68
C PHE A 29 10.55 -10.59 -0.73
N GLN A 30 9.29 -10.98 -0.53
CA GLN A 30 8.92 -12.39 -0.56
C GLN A 30 8.39 -12.81 -1.93
N ASN A 31 8.14 -11.83 -2.81
CA ASN A 31 7.64 -12.11 -4.15
C ASN A 31 6.22 -12.69 -4.09
N CYS A 32 5.45 -12.26 -3.10
CA CYS A 32 4.08 -12.73 -2.94
C CYS A 32 3.30 -11.81 -2.01
N GLY A 33 3.65 -10.53 -2.02
CA GLY A 33 2.97 -9.57 -1.18
C GLY A 33 3.15 -8.13 -1.64
N THR A 34 2.06 -7.50 -2.06
CA THR A 34 2.12 -6.11 -2.50
C THR A 34 1.67 -5.18 -1.37
N GLY A 35 2.36 -4.06 -1.24
CA GLY A 35 2.01 -3.11 -0.19
C GLY A 35 0.83 -2.24 -0.55
N HIS A 36 -0.27 -2.41 0.19
CA HIS A 36 -1.48 -1.64 -0.05
C HIS A 36 -1.87 -0.85 1.19
N CYS A 37 -2.14 0.44 1.01
CA CYS A 37 -2.53 1.31 2.12
C CYS A 37 -4.00 1.14 2.45
N GLU A 38 -4.29 0.30 3.45
CA GLU A 38 -5.66 0.05 3.87
C GLU A 38 -6.05 0.98 5.02
N LYS A 39 -7.22 1.59 4.90
CA LYS A 39 -7.71 2.50 5.92
C LYS A 39 -9.23 2.58 5.91
N ARG A 40 -9.86 2.17 7.01
CA ARG A 40 -11.31 2.19 7.11
C ARG A 40 -11.78 3.35 7.98
N GLY A 41 -11.73 3.16 9.30
CA GLY A 41 -12.14 4.22 10.21
C GLY A 41 -11.00 5.14 10.61
N GLY A 42 -10.19 5.53 9.63
CA GLY A 42 -9.08 6.41 9.89
C GLY A 42 -7.88 5.66 10.45
N ARG A 43 -7.76 4.39 10.09
CA ARG A 43 -6.66 3.56 10.57
C ARG A 43 -5.86 2.99 9.40
N PRO A 44 -4.83 3.73 8.93
CA PRO A 44 -3.99 3.29 7.81
C PRO A 44 -3.11 2.09 8.18
N THR A 45 -2.75 1.29 7.17
CA THR A 45 -1.92 0.12 7.40
C THR A 45 -1.26 -0.33 6.09
N CYS A 46 -0.35 -1.28 6.20
CA CYS A 46 0.36 -1.80 5.03
C CYS A 46 0.24 -3.32 4.96
N VAL A 47 -0.54 -3.80 4.01
CA VAL A 47 -0.74 -5.24 3.83
C VAL A 47 0.16 -5.79 2.73
N CYS A 48 0.55 -7.05 2.88
CA CYS A 48 1.42 -7.71 1.89
C CYS A 48 0.69 -8.88 1.23
N ASP A 49 0.18 -8.67 0.03
CA ASP A 49 -0.52 -9.73 -0.69
C ASP A 49 -0.34 -9.60 -2.20
N ARG A 50 0.48 -10.48 -2.77
CA ARG A 50 0.74 -10.46 -4.20
C ARG A 50 1.29 -11.81 -4.66
N CYS A 51 0.70 -12.89 -4.16
CA CYS A 51 1.14 -14.23 -4.53
C CYS A 51 0.27 -14.80 -5.64
N GLY A 52 0.48 -14.31 -6.86
CA GLY A 52 -0.28 -14.79 -7.99
C GLY A 52 -1.63 -14.09 -8.11
N ARG A 53 -2.69 -14.78 -7.70
CA ARG A 53 -4.04 -14.22 -7.76
C ARG A 53 -5.00 -15.04 -6.91
N ALA A 1 -9.64 13.06 -17.52
CA ALA A 1 -8.41 12.97 -16.71
C ALA A 1 -7.67 11.67 -16.98
N VAL A 2 -6.35 11.68 -16.77
CA VAL A 2 -5.53 10.50 -17.00
C VAL A 2 -4.40 10.41 -15.97
N ASP A 3 -4.65 9.68 -14.89
CA ASP A 3 -3.66 9.52 -13.84
C ASP A 3 -4.09 8.43 -12.85
N PHE A 4 -3.11 7.86 -12.15
CA PHE A 4 -3.39 6.81 -11.17
C PHE A 4 -3.21 7.34 -9.74
N SER A 5 -3.65 6.55 -8.77
CA SER A 5 -3.54 6.93 -7.37
C SER A 5 -4.04 5.82 -6.45
N SER A 6 -3.28 5.53 -5.41
CA SER A 6 -3.65 4.49 -4.46
C SER A 6 -3.98 5.09 -3.09
N CYS A 7 -3.07 5.93 -2.58
CA CYS A 7 -3.26 6.57 -1.29
C CYS A 7 -3.38 8.08 -1.45
N ALA A 8 -4.22 8.51 -2.39
CA ALA A 8 -4.42 9.93 -2.65
C ALA A 8 -5.62 10.45 -1.85
N ARG A 9 -5.71 10.06 -0.59
CA ARG A 9 -6.80 10.49 0.28
C ARG A 9 -6.30 11.46 1.34
N MET A 10 -5.04 11.31 1.73
CA MET A 10 -4.44 12.18 2.74
C MET A 10 -3.77 13.40 2.10
N ASP A 11 -4.03 13.61 0.81
CA ASP A 11 -3.45 14.73 0.08
C ASP A 11 -1.94 14.57 -0.09
N VAL A 12 -1.42 13.38 0.24
CA VAL A 12 0.01 13.10 0.12
C VAL A 12 0.87 14.29 0.52
N PRO A 13 1.25 14.39 1.80
CA PRO A 13 2.07 15.50 2.29
C PRO A 13 3.49 15.48 1.72
N GLY A 14 3.87 14.34 1.13
CA GLY A 14 5.19 14.21 0.54
C GLY A 14 5.93 12.99 1.05
N LEU A 15 5.42 12.37 2.10
CA LEU A 15 6.05 11.19 2.68
C LEU A 15 5.17 9.96 2.51
N SER A 16 3.86 10.17 2.49
CA SER A 16 2.90 9.08 2.33
C SER A 16 3.22 8.23 1.10
N LYS A 17 3.83 8.86 0.09
CA LYS A 17 4.21 8.17 -1.13
C LYS A 17 5.39 7.24 -0.90
N VAL A 18 6.39 7.73 -0.15
CA VAL A 18 7.58 6.95 0.15
C VAL A 18 7.27 5.86 1.15
N ALA A 19 6.33 6.12 2.05
CA ALA A 19 5.93 5.16 3.07
C ALA A 19 5.27 3.94 2.44
N GLN A 20 4.62 4.14 1.31
CA GLN A 20 3.97 3.05 0.60
C GLN A 20 4.93 2.47 -0.42
N GLY A 21 5.91 3.30 -0.80
CA GLY A 21 6.90 2.85 -1.75
C GLY A 21 7.84 1.84 -1.14
N LEU A 22 8.07 2.00 0.15
CA LEU A 22 8.94 1.09 0.89
C LEU A 22 8.16 -0.12 1.38
N CYS A 23 6.96 0.11 1.89
CA CYS A 23 6.12 -0.97 2.38
C CYS A 23 5.82 -1.96 1.26
N ILE A 24 5.61 -1.43 0.06
CA ILE A 24 5.32 -2.25 -1.11
C ILE A 24 6.58 -2.94 -1.63
N SER A 25 7.67 -2.18 -1.73
CA SER A 25 8.93 -2.74 -2.22
C SER A 25 9.44 -3.85 -1.32
N SER A 26 9.50 -3.56 -0.02
CA SER A 26 9.97 -4.53 0.96
C SER A 26 9.12 -5.80 0.93
N CYS A 27 7.80 -5.63 0.99
CA CYS A 27 6.89 -6.76 0.98
C CYS A 27 6.85 -7.43 -0.39
N LYS A 28 7.36 -6.75 -1.41
CA LYS A 28 7.37 -7.30 -2.77
C LYS A 28 8.61 -8.17 -3.00
N PHE A 29 9.65 -7.93 -2.22
CA PHE A 29 10.89 -8.70 -2.34
C PHE A 29 10.62 -10.20 -2.21
N GLN A 30 9.58 -10.55 -1.47
CA GLN A 30 9.22 -11.95 -1.27
C GLN A 30 8.52 -12.52 -2.50
N ASN A 31 8.02 -11.64 -3.37
CA ASN A 31 7.33 -12.07 -4.58
C ASN A 31 6.03 -12.80 -4.23
N CYS A 32 5.48 -12.48 -3.07
CA CYS A 32 4.23 -13.10 -2.62
C CYS A 32 3.50 -12.19 -1.63
N GLY A 33 3.73 -10.89 -1.77
CA GLY A 33 3.08 -9.93 -0.88
C GLY A 33 3.08 -8.52 -1.44
N THR A 34 1.90 -8.04 -1.81
CA THR A 34 1.78 -6.68 -2.35
C THR A 34 1.38 -5.71 -1.23
N GLY A 35 2.14 -4.62 -1.11
CA GLY A 35 1.85 -3.63 -0.09
C GLY A 35 0.76 -2.67 -0.48
N HIS A 36 -0.26 -2.56 0.35
CA HIS A 36 -1.38 -1.66 0.09
C HIS A 36 -1.81 -0.94 1.36
N CYS A 37 -2.02 0.37 1.27
CA CYS A 37 -2.42 1.17 2.41
C CYS A 37 -3.94 1.14 2.58
N GLU A 38 -4.41 0.19 3.40
CA GLU A 38 -5.84 0.06 3.65
C GLU A 38 -6.29 1.02 4.75
N LYS A 39 -7.15 1.97 4.38
CA LYS A 39 -7.65 2.95 5.33
C LYS A 39 -9.18 3.01 5.30
N ARG A 40 -9.80 2.63 6.41
CA ARG A 40 -11.26 2.65 6.50
C ARG A 40 -11.73 3.81 7.38
N GLY A 41 -11.69 3.60 8.69
CA GLY A 41 -12.12 4.65 9.61
C GLY A 41 -10.96 5.54 10.02
N GLY A 42 -10.10 5.86 9.07
CA GLY A 42 -8.95 6.70 9.37
C GLY A 42 -7.82 5.93 10.00
N ARG A 43 -7.69 4.66 9.63
CA ARG A 43 -6.64 3.81 10.18
C ARG A 43 -5.91 3.06 9.06
N PRO A 44 -4.84 3.66 8.50
CA PRO A 44 -4.06 3.03 7.43
C PRO A 44 -3.43 1.72 7.87
N THR A 45 -3.28 0.79 6.92
CA THR A 45 -2.69 -0.51 7.20
C THR A 45 -1.80 -0.97 6.05
N CYS A 46 -0.65 -1.53 6.40
CA CYS A 46 0.29 -2.02 5.39
C CYS A 46 0.11 -3.52 5.16
N VAL A 47 -0.92 -3.87 4.38
CA VAL A 47 -1.20 -5.27 4.08
C VAL A 47 -0.29 -5.78 2.97
N CYS A 48 0.29 -6.95 3.17
CA CYS A 48 1.19 -7.55 2.19
C CYS A 48 0.71 -8.94 1.78
N ASP A 49 0.20 -9.05 0.56
CA ASP A 49 -0.29 -10.33 0.04
C ASP A 49 -0.31 -10.33 -1.48
N ARG A 50 0.49 -11.20 -2.09
CA ARG A 50 0.57 -11.29 -3.54
C ARG A 50 1.15 -12.62 -3.99
N CYS A 51 0.87 -13.68 -3.23
CA CYS A 51 1.37 -15.00 -3.56
C CYS A 51 0.41 -15.75 -4.47
N GLY A 52 0.47 -15.43 -5.76
CA GLY A 52 -0.41 -16.08 -6.72
C GLY A 52 0.35 -16.94 -7.71
N ARG A 53 1.58 -16.54 -8.02
CA ARG A 53 2.42 -17.28 -8.96
C ARG A 53 2.72 -18.67 -8.42
N ALA A 1 -5.95 -4.33 -17.59
CA ALA A 1 -6.90 -4.00 -16.50
C ALA A 1 -6.22 -4.07 -15.14
N VAL A 2 -4.93 -3.78 -15.12
CA VAL A 2 -4.16 -3.81 -13.89
C VAL A 2 -3.65 -2.41 -13.50
N ASP A 3 -4.46 -1.69 -12.73
CA ASP A 3 -4.09 -0.34 -12.31
C ASP A 3 -5.04 0.15 -11.22
N PHE A 4 -5.16 -0.61 -10.14
CA PHE A 4 -6.03 -0.26 -9.03
C PHE A 4 -5.21 0.20 -7.83
N SER A 5 -5.77 1.14 -7.06
CA SER A 5 -5.10 1.65 -5.88
C SER A 5 -6.11 2.14 -4.84
N SER A 6 -5.70 2.15 -3.58
CA SER A 6 -6.57 2.59 -2.50
C SER A 6 -5.95 3.78 -1.76
N CYS A 7 -5.19 4.60 -2.48
CA CYS A 7 -4.53 5.76 -1.89
C CYS A 7 -5.02 7.05 -2.57
N ALA A 8 -6.29 7.07 -2.94
CA ALA A 8 -6.88 8.24 -3.59
C ALA A 8 -7.48 9.20 -2.58
N ARG A 9 -6.70 9.53 -1.55
CA ARG A 9 -7.15 10.44 -0.51
C ARG A 9 -6.13 11.55 -0.26
N MET A 10 -4.89 11.15 0.01
CA MET A 10 -3.82 12.11 0.26
C MET A 10 -4.15 12.99 1.46
N ASP A 11 -4.90 12.44 2.41
CA ASP A 11 -5.27 13.18 3.61
C ASP A 11 -4.21 13.05 4.69
N VAL A 12 -3.45 11.95 4.64
CA VAL A 12 -2.40 11.70 5.63
C VAL A 12 -1.42 12.88 5.69
N PRO A 13 -0.64 12.98 6.78
CA PRO A 13 0.34 14.06 6.96
C PRO A 13 1.22 14.25 5.74
N GLY A 14 1.39 13.19 4.96
CA GLY A 14 2.22 13.27 3.76
C GLY A 14 3.33 12.24 3.74
N LEU A 15 3.09 11.09 4.36
CA LEU A 15 4.07 10.03 4.42
C LEU A 15 3.52 8.71 3.89
N SER A 16 2.24 8.72 3.50
CA SER A 16 1.60 7.52 2.97
C SER A 16 2.26 7.08 1.66
N LYS A 17 2.77 8.03 0.90
CA LYS A 17 3.42 7.75 -0.37
C LYS A 17 4.72 6.97 -0.14
N VAL A 18 5.50 7.42 0.83
CA VAL A 18 6.77 6.77 1.15
C VAL A 18 6.53 5.47 1.93
N ALA A 19 5.48 5.47 2.74
CA ALA A 19 5.14 4.29 3.53
C ALA A 19 4.65 3.16 2.65
N GLN A 20 4.16 3.50 1.46
CA GLN A 20 3.68 2.50 0.52
C GLN A 20 4.81 2.13 -0.42
N GLY A 21 5.75 3.06 -0.59
CA GLY A 21 6.87 2.81 -1.45
C GLY A 21 7.80 1.80 -0.84
N LEU A 22 7.92 1.85 0.47
CA LEU A 22 8.77 0.94 1.22
C LEU A 22 8.03 -0.36 1.50
N CYS A 23 6.74 -0.25 1.82
CA CYS A 23 5.93 -1.43 2.09
C CYS A 23 5.81 -2.29 0.84
N ILE A 24 5.66 -1.65 -0.30
CA ILE A 24 5.54 -2.35 -1.57
C ILE A 24 6.85 -3.00 -1.98
N SER A 25 7.94 -2.24 -1.91
CA SER A 25 9.26 -2.76 -2.28
C SER A 25 9.70 -3.88 -1.33
N SER A 26 9.73 -3.57 -0.04
CA SER A 26 10.14 -4.55 0.98
C SER A 26 9.29 -5.82 0.90
N CYS A 27 8.03 -5.67 0.50
CA CYS A 27 7.14 -6.82 0.41
C CYS A 27 7.18 -7.46 -0.99
N LYS A 28 7.79 -6.78 -1.94
CA LYS A 28 7.90 -7.30 -3.30
C LYS A 28 9.08 -8.26 -3.42
N PHE A 29 10.08 -8.05 -2.57
CA PHE A 29 11.28 -8.90 -2.59
C PHE A 29 10.94 -10.32 -2.17
N GLN A 30 9.91 -10.47 -1.35
CA GLN A 30 9.49 -11.79 -0.88
C GLN A 30 8.76 -12.57 -1.98
N ASN A 31 8.48 -11.90 -3.09
CA ASN A 31 7.79 -12.54 -4.22
C ASN A 31 6.51 -13.25 -3.76
N CYS A 32 5.87 -12.71 -2.74
CA CYS A 32 4.63 -13.28 -2.21
C CYS A 32 3.93 -12.29 -1.28
N GLY A 33 4.07 -11.00 -1.57
CA GLY A 33 3.45 -9.98 -0.74
C GLY A 33 3.33 -8.64 -1.45
N THR A 34 2.09 -8.22 -1.69
CA THR A 34 1.84 -6.93 -2.35
C THR A 34 1.43 -5.89 -1.32
N GLY A 35 2.09 -4.74 -1.34
CA GLY A 35 1.79 -3.68 -0.40
C GLY A 35 0.56 -2.88 -0.80
N HIS A 36 -0.39 -2.77 0.12
CA HIS A 36 -1.61 -2.03 -0.13
C HIS A 36 -1.90 -1.07 1.02
N CYS A 37 -2.15 0.20 0.68
CA CYS A 37 -2.45 1.22 1.68
C CYS A 37 -3.94 1.30 1.97
N GLU A 38 -4.38 0.56 2.97
CA GLU A 38 -5.79 0.55 3.36
C GLU A 38 -6.10 1.72 4.29
N LYS A 39 -7.37 2.10 4.35
CA LYS A 39 -7.79 3.21 5.20
C LYS A 39 -9.28 3.12 5.50
N ARG A 40 -9.62 2.94 6.78
CA ARG A 40 -11.01 2.84 7.20
C ARG A 40 -11.44 4.11 7.93
N GLY A 41 -11.14 4.18 9.22
CA GLY A 41 -11.49 5.35 10.01
C GLY A 41 -10.40 6.39 10.01
N GLY A 42 -9.67 6.49 8.91
CA GLY A 42 -8.60 7.46 8.80
C GLY A 42 -7.28 6.90 9.29
N ARG A 43 -7.10 5.59 9.12
CA ARG A 43 -5.87 4.93 9.54
C ARG A 43 -5.19 4.22 8.38
N PRO A 44 -3.98 4.66 8.00
CA PRO A 44 -3.23 4.06 6.89
C PRO A 44 -2.61 2.72 7.27
N THR A 45 -3.20 1.63 6.78
CA THR A 45 -2.69 0.29 7.06
C THR A 45 -1.74 -0.17 5.98
N CYS A 46 -0.68 -0.87 6.38
CA CYS A 46 0.31 -1.37 5.44
C CYS A 46 0.23 -2.90 5.32
N VAL A 47 -0.70 -3.38 4.50
CA VAL A 47 -0.87 -4.80 4.29
C VAL A 47 0.14 -5.34 3.30
N CYS A 48 0.35 -6.65 3.30
CA CYS A 48 1.30 -7.27 2.39
C CYS A 48 0.96 -8.74 2.15
N ASP A 49 0.45 -9.03 0.95
CA ASP A 49 0.08 -10.40 0.58
C ASP A 49 -0.02 -10.54 -0.93
N ARG A 50 0.79 -11.42 -1.49
CA ARG A 50 0.79 -11.63 -2.95
C ARG A 50 1.41 -12.97 -3.30
N CYS A 51 1.10 -14.00 -2.51
CA CYS A 51 1.64 -15.34 -2.77
C CYS A 51 0.65 -16.18 -3.56
N GLY A 52 0.90 -16.31 -4.85
CA GLY A 52 0.02 -17.10 -5.70
C GLY A 52 -0.34 -16.38 -6.98
N ARG A 53 0.50 -16.50 -7.99
CA ARG A 53 0.26 -15.86 -9.28
C ARG A 53 -1.05 -16.33 -9.88
N ALA A 1 -10.74 0.50 -6.33
CA ALA A 1 -11.86 -0.38 -5.90
C ALA A 1 -11.35 -1.80 -5.65
N VAL A 2 -10.95 -2.48 -6.72
CA VAL A 2 -10.45 -3.84 -6.62
C VAL A 2 -9.05 -3.97 -7.23
N ASP A 3 -8.36 -2.85 -7.34
CA ASP A 3 -7.01 -2.84 -7.91
C ASP A 3 -6.45 -1.42 -7.95
N PHE A 4 -5.83 -1.00 -6.85
CA PHE A 4 -5.24 0.33 -6.77
C PHE A 4 -3.87 0.28 -6.10
N SER A 5 -2.84 0.62 -6.86
CA SER A 5 -1.47 0.62 -6.35
C SER A 5 -0.87 2.02 -6.41
N SER A 6 -1.64 3.02 -5.98
CA SER A 6 -1.18 4.40 -5.98
C SER A 6 -1.91 5.22 -4.92
N CYS A 7 -2.31 4.55 -3.83
CA CYS A 7 -3.02 5.21 -2.75
C CYS A 7 -2.29 6.47 -2.28
N ALA A 8 -1.05 6.29 -1.81
CA ALA A 8 -0.25 7.41 -1.33
C ALA A 8 -0.98 8.21 -0.25
N ARG A 9 -1.95 7.57 0.39
CA ARG A 9 -2.74 8.21 1.45
C ARG A 9 -3.61 9.34 0.90
N MET A 10 -3.66 9.47 -0.42
CA MET A 10 -4.47 10.51 -1.07
C MET A 10 -4.27 11.87 -0.40
N ASP A 11 -3.09 12.08 0.17
CA ASP A 11 -2.77 13.33 0.84
C ASP A 11 -1.33 13.32 1.35
N VAL A 12 -0.39 13.18 0.42
CA VAL A 12 1.02 13.15 0.77
C VAL A 12 1.47 14.49 1.35
N PRO A 13 1.83 14.51 2.65
CA PRO A 13 2.28 15.73 3.32
C PRO A 13 3.77 15.99 3.12
N GLY A 14 4.54 14.92 2.97
CA GLY A 14 5.97 15.06 2.77
C GLY A 14 6.69 13.75 2.53
N LEU A 15 6.24 12.69 3.21
CA LEU A 15 6.88 11.39 3.06
C LEU A 15 5.85 10.25 3.05
N SER A 16 4.66 10.53 2.52
CA SER A 16 3.61 9.53 2.44
C SER A 16 3.83 8.62 1.24
N LYS A 17 4.37 9.18 0.16
CA LYS A 17 4.63 8.42 -1.05
C LYS A 17 5.70 7.37 -0.81
N VAL A 18 6.76 7.76 -0.11
CA VAL A 18 7.86 6.86 0.20
C VAL A 18 7.40 5.75 1.14
N ALA A 19 6.45 6.07 2.01
CA ALA A 19 5.92 5.11 2.96
C ALA A 19 5.28 3.92 2.24
N GLN A 20 4.73 4.16 1.06
CA GLN A 20 4.11 3.12 0.27
C GLN A 20 5.15 2.52 -0.65
N GLY A 21 6.18 3.31 -0.96
CA GLY A 21 7.23 2.84 -1.83
C GLY A 21 8.09 1.82 -1.14
N LEU A 22 8.22 1.98 0.18
CA LEU A 22 9.02 1.08 0.99
C LEU A 22 8.18 -0.13 1.41
N CYS A 23 6.92 0.12 1.77
CA CYS A 23 6.03 -0.97 2.18
C CYS A 23 5.79 -1.93 1.02
N ILE A 24 5.74 -1.39 -0.19
CA ILE A 24 5.52 -2.20 -1.38
C ILE A 24 6.78 -2.97 -1.79
N SER A 25 7.92 -2.26 -1.81
CA SER A 25 9.18 -2.88 -2.19
C SER A 25 9.60 -3.93 -1.16
N SER A 26 9.52 -3.57 0.11
CA SER A 26 9.90 -4.47 1.19
C SER A 26 9.07 -5.75 1.17
N CYS A 27 7.75 -5.60 1.02
CA CYS A 27 6.84 -6.74 0.99
C CYS A 27 6.87 -7.44 -0.36
N LYS A 28 7.43 -6.77 -1.37
CA LYS A 28 7.51 -7.34 -2.71
C LYS A 28 8.71 -8.27 -2.83
N PHE A 29 9.72 -8.06 -2.00
CA PHE A 29 10.92 -8.88 -2.01
C PHE A 29 10.57 -10.36 -1.86
N GLN A 30 9.47 -10.65 -1.17
CA GLN A 30 9.04 -12.03 -0.97
C GLN A 30 8.28 -12.56 -2.18
N ASN A 31 7.88 -11.67 -3.08
CA ASN A 31 7.15 -12.06 -4.28
C ASN A 31 5.85 -12.78 -3.91
N CYS A 32 5.34 -12.49 -2.72
CA CYS A 32 4.10 -13.11 -2.25
C CYS A 32 3.33 -12.16 -1.34
N GLY A 33 3.62 -10.87 -1.46
CA GLY A 33 2.94 -9.88 -0.62
C GLY A 33 3.02 -8.47 -1.19
N THR A 34 1.89 -7.95 -1.65
CA THR A 34 1.84 -6.60 -2.19
C THR A 34 1.35 -5.62 -1.13
N GLY A 35 2.13 -4.55 -0.92
CA GLY A 35 1.77 -3.56 0.06
C GLY A 35 0.72 -2.59 -0.45
N HIS A 36 -0.33 -2.38 0.35
CA HIS A 36 -1.41 -1.46 -0.02
C HIS A 36 -1.89 -0.69 1.19
N CYS A 37 -2.43 0.51 0.94
CA CYS A 37 -2.93 1.36 2.01
C CYS A 37 -4.33 0.93 2.45
N GLU A 38 -4.38 0.00 3.40
CA GLU A 38 -5.65 -0.50 3.91
C GLU A 38 -6.17 0.39 5.03
N LYS A 39 -7.03 1.34 4.68
CA LYS A 39 -7.60 2.26 5.67
C LYS A 39 -9.10 2.40 5.46
N ARG A 40 -9.85 2.28 6.55
CA ARG A 40 -11.31 2.40 6.49
C ARG A 40 -11.78 3.59 7.31
N GLY A 41 -11.81 3.43 8.63
CA GLY A 41 -12.25 4.50 9.51
C GLY A 41 -11.10 5.39 9.95
N GLY A 42 -10.04 5.45 9.15
CA GLY A 42 -8.89 6.26 9.48
C GLY A 42 -7.78 5.45 10.11
N ARG A 43 -7.64 4.19 9.69
CA ARG A 43 -6.61 3.32 10.22
C ARG A 43 -5.64 2.90 9.11
N PRO A 44 -4.66 3.75 8.79
CA PRO A 44 -3.66 3.45 7.75
C PRO A 44 -2.87 2.19 8.06
N THR A 45 -3.14 1.13 7.32
CA THR A 45 -2.46 -0.14 7.52
C THR A 45 -1.73 -0.57 6.24
N CYS A 46 -0.69 -1.39 6.41
CA CYS A 46 0.08 -1.88 5.28
C CYS A 46 -0.18 -3.36 5.03
N VAL A 47 -1.19 -3.65 4.22
CA VAL A 47 -1.54 -5.03 3.90
C VAL A 47 -0.60 -5.60 2.84
N CYS A 48 0.01 -6.74 3.14
CA CYS A 48 0.94 -7.38 2.21
C CYS A 48 0.43 -8.76 1.80
N ASP A 49 -0.05 -8.86 0.57
CA ASP A 49 -0.55 -10.12 0.05
C ASP A 49 -0.43 -10.17 -1.48
N ARG A 50 0.38 -11.10 -1.98
CA ARG A 50 0.59 -11.23 -3.41
C ARG A 50 1.14 -12.60 -3.77
N CYS A 51 0.81 -13.60 -2.96
CA CYS A 51 1.27 -14.96 -3.20
C CYS A 51 0.31 -15.72 -4.09
N GLY A 52 0.02 -15.15 -5.26
CA GLY A 52 -0.89 -15.78 -6.19
C GLY A 52 -0.39 -15.74 -7.62
N ARG A 53 0.93 -15.85 -7.78
CA ARG A 53 1.54 -15.82 -9.11
C ARG A 53 2.52 -16.98 -9.29
N ALA A 1 -15.72 -5.79 -10.61
CA ALA A 1 -14.61 -6.37 -9.82
C ALA A 1 -13.25 -5.96 -10.38
N VAL A 2 -12.64 -4.96 -9.76
CA VAL A 2 -11.33 -4.47 -10.21
C VAL A 2 -10.47 -4.04 -9.01
N ASP A 3 -11.06 -3.27 -8.12
CA ASP A 3 -10.35 -2.79 -6.93
C ASP A 3 -11.33 -2.31 -5.87
N PHE A 4 -10.79 -1.83 -4.76
CA PHE A 4 -11.63 -1.33 -3.66
C PHE A 4 -11.14 0.04 -3.19
N SER A 5 -10.65 0.84 -4.13
CA SER A 5 -10.15 2.17 -3.82
C SER A 5 -8.99 2.10 -2.82
N SER A 6 -7.78 1.97 -3.34
CA SER A 6 -6.59 1.89 -2.51
C SER A 6 -6.18 3.27 -2.01
N CYS A 7 -5.76 4.13 -2.93
CA CYS A 7 -5.34 5.48 -2.59
C CYS A 7 -6.09 6.51 -3.41
N ALA A 8 -7.40 6.61 -3.18
CA ALA A 8 -8.25 7.55 -3.90
C ALA A 8 -8.49 8.81 -3.08
N ARG A 9 -7.52 9.17 -2.24
CA ARG A 9 -7.63 10.35 -1.39
C ARG A 9 -6.76 11.48 -1.92
N MET A 10 -5.47 11.21 -2.07
CA MET A 10 -4.54 12.21 -2.56
C MET A 10 -4.50 13.43 -1.65
N ASP A 11 -4.73 13.20 -0.36
CA ASP A 11 -4.73 14.29 0.61
C ASP A 11 -3.86 13.94 1.82
N VAL A 12 -2.77 13.23 1.56
CA VAL A 12 -1.85 12.83 2.62
C VAL A 12 -0.93 13.99 3.01
N PRO A 13 -0.43 13.98 4.26
CA PRO A 13 0.46 15.03 4.77
C PRO A 13 1.72 15.18 3.92
N GLY A 14 2.26 14.05 3.45
CA GLY A 14 3.45 14.09 2.62
C GLY A 14 4.45 13.00 2.99
N LEU A 15 3.96 11.82 3.32
CA LEU A 15 4.83 10.71 3.68
C LEU A 15 4.25 9.37 3.24
N SER A 16 2.93 9.32 3.01
CA SER A 16 2.27 8.09 2.59
C SER A 16 2.89 7.55 1.31
N LYS A 17 3.53 8.43 0.54
CA LYS A 17 4.16 8.03 -0.71
C LYS A 17 5.36 7.12 -0.44
N VAL A 18 6.21 7.53 0.48
CA VAL A 18 7.39 6.75 0.84
C VAL A 18 7.01 5.53 1.66
N ALA A 19 5.97 5.66 2.47
CA ALA A 19 5.50 4.56 3.31
C ALA A 19 4.94 3.42 2.46
N GLN A 20 4.49 3.74 1.25
CA GLN A 20 3.96 2.75 0.35
C GLN A 20 5.06 2.25 -0.56
N GLY A 21 6.08 3.10 -0.74
CA GLY A 21 7.20 2.72 -1.57
C GLY A 21 8.05 1.68 -0.91
N LEU A 22 8.15 1.78 0.41
CA LEU A 22 8.93 0.84 1.21
C LEU A 22 8.09 -0.38 1.54
N CYS A 23 6.81 -0.17 1.85
CA CYS A 23 5.92 -1.27 2.18
C CYS A 23 5.73 -2.19 0.97
N ILE A 24 5.72 -1.59 -0.21
CA ILE A 24 5.54 -2.36 -1.44
C ILE A 24 6.82 -3.11 -1.82
N SER A 25 7.95 -2.41 -1.78
CA SER A 25 9.23 -3.02 -2.13
C SER A 25 9.62 -4.09 -1.12
N SER A 26 9.58 -3.75 0.16
CA SER A 26 9.95 -4.68 1.22
C SER A 26 9.05 -5.91 1.22
N CYS A 27 7.76 -5.70 0.97
CA CYS A 27 6.80 -6.81 0.94
C CYS A 27 6.81 -7.54 -0.39
N LYS A 28 7.38 -6.91 -1.41
CA LYS A 28 7.44 -7.52 -2.74
C LYS A 28 8.60 -8.52 -2.81
N PHE A 29 9.63 -8.28 -2.00
CA PHE A 29 10.79 -9.17 -1.98
C PHE A 29 10.40 -10.60 -1.58
N GLN A 30 9.33 -10.72 -0.80
CA GLN A 30 8.86 -12.03 -0.36
C GLN A 30 8.07 -12.75 -1.46
N ASN A 31 7.90 -12.09 -2.61
CA ASN A 31 7.17 -12.67 -3.73
C ASN A 31 5.84 -13.27 -3.29
N CYS A 32 5.24 -12.68 -2.28
CA CYS A 32 3.95 -13.15 -1.76
C CYS A 32 3.30 -12.10 -0.87
N GLY A 33 3.58 -10.83 -1.15
CA GLY A 33 3.02 -9.75 -0.35
C GLY A 33 3.05 -8.41 -1.07
N THR A 34 1.88 -7.87 -1.39
CA THR A 34 1.80 -6.58 -2.06
C THR A 34 1.38 -5.49 -1.08
N GLY A 35 2.20 -4.45 -0.96
CA GLY A 35 1.90 -3.36 -0.04
C GLY A 35 0.87 -2.40 -0.61
N HIS A 36 -0.36 -2.50 -0.13
CA HIS A 36 -1.43 -1.63 -0.59
C HIS A 36 -1.89 -0.70 0.53
N CYS A 37 -2.22 0.54 0.16
CA CYS A 37 -2.68 1.52 1.14
C CYS A 37 -4.16 1.34 1.45
N GLU A 38 -4.45 0.46 2.41
CA GLU A 38 -5.82 0.19 2.81
C GLU A 38 -6.34 1.29 3.74
N LYS A 39 -7.48 1.02 4.37
CA LYS A 39 -8.07 1.98 5.29
C LYS A 39 -9.05 1.29 6.24
N ARG A 40 -8.78 1.39 7.54
CA ARG A 40 -9.63 0.78 8.55
C ARG A 40 -10.60 1.80 9.14
N GLY A 41 -10.16 2.52 10.17
CA GLY A 41 -11.00 3.52 10.80
C GLY A 41 -10.85 4.88 10.17
N GLY A 42 -10.49 4.90 8.88
CA GLY A 42 -10.31 6.17 8.18
C GLY A 42 -8.84 6.58 8.14
N ARG A 43 -7.95 5.60 8.17
CA ARG A 43 -6.51 5.88 8.13
C ARG A 43 -5.78 4.86 7.26
N PRO A 44 -4.80 5.32 6.47
CA PRO A 44 -4.02 4.44 5.58
C PRO A 44 -3.43 3.24 6.33
N THR A 45 -3.37 2.10 5.65
CA THR A 45 -2.82 0.88 6.25
C THR A 45 -1.85 0.21 5.29
N CYS A 46 -0.76 -0.34 5.84
CA CYS A 46 0.24 -1.01 5.03
C CYS A 46 -0.05 -2.52 4.94
N VAL A 47 -1.05 -2.88 4.17
CA VAL A 47 -1.41 -4.28 4.01
C VAL A 47 -0.51 -4.96 2.99
N CYS A 48 0.11 -6.06 3.39
CA CYS A 48 1.02 -6.80 2.51
C CYS A 48 0.54 -8.22 2.28
N ASP A 49 0.05 -8.48 1.08
CA ASP A 49 -0.44 -9.81 0.71
C ASP A 49 -0.47 -9.97 -0.81
N ARG A 50 0.27 -10.94 -1.32
CA ARG A 50 0.34 -11.19 -2.75
C ARG A 50 0.84 -12.59 -3.05
N CYS A 51 0.41 -13.56 -2.24
CA CYS A 51 0.83 -14.94 -2.42
C CYS A 51 -0.22 -15.72 -3.22
N GLY A 52 -0.55 -15.21 -4.39
CA GLY A 52 -1.54 -15.87 -5.24
C GLY A 52 -1.49 -15.38 -6.67
N ARG A 53 -0.56 -15.93 -7.45
CA ARG A 53 -0.41 -15.54 -8.85
C ARG A 53 -0.21 -16.77 -9.74
N ALA A 1 -4.22 9.20 -6.92
CA ALA A 1 -4.59 7.78 -7.19
C ALA A 1 -5.14 7.64 -8.61
N VAL A 2 -6.31 8.20 -8.84
CA VAL A 2 -6.96 8.15 -10.15
C VAL A 2 -6.87 6.75 -10.76
N ASP A 3 -7.44 5.76 -10.07
CA ASP A 3 -7.43 4.38 -10.54
C ASP A 3 -6.04 3.77 -10.43
N PHE A 4 -5.49 3.76 -9.22
CA PHE A 4 -4.17 3.20 -8.99
C PHE A 4 -4.08 2.58 -7.60
N SER A 5 -4.54 3.33 -6.59
CA SER A 5 -4.52 2.87 -5.21
C SER A 5 -5.77 3.31 -4.46
N SER A 6 -5.96 2.77 -3.27
CA SER A 6 -7.13 3.12 -2.46
C SER A 6 -6.90 4.45 -1.73
N CYS A 7 -6.20 4.40 -0.60
CA CYS A 7 -5.93 5.59 0.18
C CYS A 7 -7.20 6.41 0.41
N ALA A 8 -8.12 5.85 1.20
CA ALA A 8 -9.38 6.51 1.50
C ALA A 8 -9.28 7.29 2.81
N ARG A 9 -8.16 7.97 3.01
CA ARG A 9 -7.95 8.76 4.22
C ARG A 9 -8.00 10.25 3.92
N MET A 10 -7.41 10.63 2.78
CA MET A 10 -7.38 12.02 2.37
C MET A 10 -6.69 12.90 3.41
N ASP A 11 -5.50 12.48 3.84
CA ASP A 11 -4.74 13.21 4.84
C ASP A 11 -3.25 12.94 4.70
N VAL A 12 -2.80 12.73 3.47
CA VAL A 12 -1.40 12.46 3.20
C VAL A 12 -0.78 13.56 2.32
N PRO A 13 0.19 14.32 2.86
CA PRO A 13 0.85 15.40 2.10
C PRO A 13 1.64 14.88 0.91
N GLY A 14 2.51 13.90 1.15
CA GLY A 14 3.32 13.34 0.09
C GLY A 14 4.20 12.20 0.57
N LEU A 15 3.68 11.40 1.48
CA LEU A 15 4.42 10.27 2.02
C LEU A 15 3.91 8.94 1.44
N SER A 16 2.73 8.98 0.84
CA SER A 16 2.14 7.78 0.25
C SER A 16 3.04 7.19 -0.82
N LYS A 17 3.95 8.01 -1.34
CA LYS A 17 4.88 7.57 -2.39
C LYS A 17 6.04 6.78 -1.78
N VAL A 18 6.65 7.35 -0.75
CA VAL A 18 7.77 6.70 -0.09
C VAL A 18 7.30 5.63 0.90
N ALA A 19 6.20 5.92 1.58
CA ALA A 19 5.64 4.99 2.55
C ALA A 19 5.08 3.74 1.86
N GLN A 20 4.65 3.91 0.61
CA GLN A 20 4.11 2.81 -0.16
C GLN A 20 5.23 2.18 -0.97
N GLY A 21 6.28 2.95 -1.20
CA GLY A 21 7.41 2.45 -1.94
C GLY A 21 8.21 1.46 -1.13
N LEU A 22 8.25 1.71 0.18
CA LEU A 22 8.98 0.85 1.11
C LEU A 22 8.10 -0.32 1.54
N CYS A 23 6.83 -0.04 1.81
CA CYS A 23 5.88 -1.08 2.23
C CYS A 23 5.72 -2.11 1.13
N ILE A 24 5.73 -1.66 -0.12
CA ILE A 24 5.59 -2.54 -1.26
C ILE A 24 6.86 -3.37 -1.50
N SER A 25 8.00 -2.68 -1.53
CA SER A 25 9.28 -3.36 -1.76
C SER A 25 9.57 -4.36 -0.64
N SER A 26 9.50 -3.88 0.59
CA SER A 26 9.75 -4.73 1.76
C SER A 26 8.89 -5.99 1.73
N CYS A 27 7.61 -5.81 1.41
CA CYS A 27 6.68 -6.93 1.35
C CYS A 27 6.80 -7.69 0.03
N LYS A 28 7.58 -7.14 -0.91
CA LYS A 28 7.78 -7.78 -2.21
C LYS A 28 8.90 -8.81 -2.14
N PHE A 29 9.83 -8.62 -1.22
CA PHE A 29 10.96 -9.53 -1.06
C PHE A 29 10.49 -10.98 -0.96
N GLN A 30 9.26 -11.18 -0.49
CA GLN A 30 8.71 -12.52 -0.35
C GLN A 30 8.06 -13.00 -1.65
N ASN A 31 7.78 -12.07 -2.55
CA ASN A 31 7.16 -12.40 -3.83
C ASN A 31 5.75 -12.94 -3.63
N CYS A 32 5.07 -12.42 -2.61
CA CYS A 32 3.71 -12.86 -2.31
C CYS A 32 3.00 -11.83 -1.43
N GLY A 33 3.38 -10.57 -1.58
CA GLY A 33 2.77 -9.51 -0.80
C GLY A 33 2.97 -8.13 -1.39
N THR A 34 1.87 -7.51 -1.83
CA THR A 34 1.93 -6.18 -2.41
C THR A 34 1.49 -5.14 -1.38
N GLY A 35 2.30 -4.10 -1.22
CA GLY A 35 1.98 -3.05 -0.27
C GLY A 35 0.97 -2.06 -0.81
N HIS A 36 -0.01 -1.71 0.02
CA HIS A 36 -1.04 -0.76 -0.38
C HIS A 36 -1.63 -0.06 0.83
N CYS A 37 -2.06 1.19 0.65
CA CYS A 37 -2.65 1.97 1.72
C CYS A 37 -4.11 1.59 1.94
N GLU A 38 -4.35 0.72 2.92
CA GLU A 38 -5.70 0.27 3.22
C GLU A 38 -6.17 0.82 4.56
N LYS A 39 -7.47 1.11 4.66
CA LYS A 39 -8.04 1.65 5.89
C LYS A 39 -9.27 0.85 6.30
N ARG A 40 -9.50 0.75 7.60
CA ARG A 40 -10.65 0.01 8.12
C ARG A 40 -11.48 0.87 9.06
N GLY A 41 -11.05 0.98 10.31
CA GLY A 41 -11.77 1.79 11.27
C GLY A 41 -11.28 3.23 11.29
N GLY A 42 -11.18 3.81 10.10
CA GLY A 42 -10.72 5.18 9.99
C GLY A 42 -9.26 5.32 10.39
N ARG A 43 -8.49 4.26 10.14
CA ARG A 43 -7.07 4.26 10.48
C ARG A 43 -6.23 3.66 9.36
N PRO A 44 -5.23 4.39 8.85
CA PRO A 44 -4.36 3.92 7.78
C PRO A 44 -3.66 2.61 8.14
N THR A 45 -3.30 1.82 7.12
CA THR A 45 -2.63 0.55 7.34
C THR A 45 -1.87 0.12 6.10
N CYS A 46 -0.84 -0.70 6.29
CA CYS A 46 -0.03 -1.19 5.18
C CYS A 46 -0.31 -2.67 4.91
N VAL A 47 -1.25 -2.93 4.02
CA VAL A 47 -1.61 -4.30 3.68
C VAL A 47 -0.62 -4.90 2.69
N CYS A 48 -0.21 -6.14 2.94
CA CYS A 48 0.73 -6.82 2.06
C CYS A 48 0.22 -8.18 1.63
N ASP A 49 -0.19 -8.29 0.37
CA ASP A 49 -0.71 -9.53 -0.18
C ASP A 49 -0.58 -9.56 -1.69
N ARG A 50 0.17 -10.53 -2.21
CA ARG A 50 0.37 -10.65 -3.65
C ARG A 50 0.84 -12.06 -4.02
N CYS A 51 0.34 -13.06 -3.30
CA CYS A 51 0.72 -14.44 -3.56
C CYS A 51 -0.23 -15.07 -4.57
N GLY A 52 -0.02 -14.76 -5.85
CA GLY A 52 -0.87 -15.30 -6.89
C GLY A 52 -2.26 -14.69 -6.89
N ARG A 53 -3.17 -15.33 -7.63
CA ARG A 53 -4.54 -14.84 -7.71
C ARG A 53 -4.60 -13.44 -8.29
N ALA A 1 -14.46 2.96 -11.99
CA ALA A 1 -14.37 3.51 -10.62
C ALA A 1 -13.21 2.90 -9.85
N VAL A 2 -12.15 2.52 -10.58
CA VAL A 2 -10.98 1.93 -9.98
C VAL A 2 -9.74 2.81 -10.18
N ASP A 3 -8.75 2.63 -9.31
CA ASP A 3 -7.52 3.40 -9.40
C ASP A 3 -6.31 2.50 -9.57
N PHE A 4 -5.25 3.03 -10.16
CA PHE A 4 -4.03 2.26 -10.39
C PHE A 4 -3.15 2.25 -9.14
N SER A 5 -3.12 3.38 -8.43
CA SER A 5 -2.32 3.51 -7.22
C SER A 5 -3.05 2.90 -6.03
N SER A 6 -2.43 2.99 -4.86
CA SER A 6 -3.03 2.45 -3.63
C SER A 6 -3.59 3.57 -2.76
N CYS A 7 -3.08 4.78 -2.94
CA CYS A 7 -3.53 5.93 -2.18
C CYS A 7 -3.71 7.15 -3.06
N ALA A 8 -4.76 7.14 -3.87
CA ALA A 8 -5.03 8.25 -4.78
C ALA A 8 -5.99 9.26 -4.14
N ARG A 9 -6.01 9.31 -2.82
CA ARG A 9 -6.87 10.23 -2.10
C ARG A 9 -6.12 11.51 -1.74
N MET A 10 -4.83 11.36 -1.47
CA MET A 10 -3.99 12.51 -1.12
C MET A 10 -4.53 13.22 0.13
N ASP A 11 -5.15 12.45 1.01
CA ASP A 11 -5.72 12.99 2.24
C ASP A 11 -4.90 12.56 3.45
N VAL A 12 -3.60 12.35 3.25
CA VAL A 12 -2.72 11.93 4.32
C VAL A 12 -1.76 13.05 4.72
N PRO A 13 -1.21 12.99 5.95
CA PRO A 13 -0.28 14.01 6.45
C PRO A 13 0.85 14.30 5.47
N GLY A 14 1.16 13.32 4.62
CA GLY A 14 2.22 13.50 3.65
C GLY A 14 3.36 12.51 3.84
N LEU A 15 3.17 11.30 3.31
CA LEU A 15 4.18 10.25 3.43
C LEU A 15 3.69 8.94 2.83
N SER A 16 2.38 8.74 2.81
CA SER A 16 1.78 7.53 2.26
C SER A 16 2.45 7.10 0.96
N LYS A 17 2.94 8.09 0.20
CA LYS A 17 3.60 7.81 -1.07
C LYS A 17 4.91 7.06 -0.83
N VAL A 18 5.75 7.62 0.03
CA VAL A 18 7.04 7.00 0.35
C VAL A 18 6.83 5.78 1.25
N ALA A 19 5.95 5.91 2.23
CA ALA A 19 5.66 4.82 3.14
C ALA A 19 5.08 3.62 2.40
N GLN A 20 4.51 3.88 1.23
CA GLN A 20 3.93 2.83 0.42
C GLN A 20 4.99 2.29 -0.52
N GLY A 21 5.96 3.14 -0.83
CA GLY A 21 7.03 2.73 -1.71
C GLY A 21 7.94 1.72 -1.04
N LEU A 22 8.10 1.88 0.26
CA LEU A 22 8.92 0.98 1.05
C LEU A 22 8.13 -0.26 1.45
N CYS A 23 6.86 -0.06 1.77
CA CYS A 23 6.00 -1.18 2.16
C CYS A 23 5.77 -2.12 0.98
N ILE A 24 5.63 -1.54 -0.21
CA ILE A 24 5.41 -2.33 -1.42
C ILE A 24 6.67 -3.09 -1.83
N SER A 25 7.80 -2.40 -1.88
CA SER A 25 9.06 -3.02 -2.26
C SER A 25 9.52 -4.03 -1.20
N SER A 26 9.53 -3.59 0.05
CA SER A 26 9.95 -4.44 1.16
C SER A 26 9.17 -5.76 1.16
N CYS A 27 7.87 -5.69 0.90
CA CYS A 27 7.04 -6.88 0.87
C CYS A 27 7.04 -7.54 -0.50
N LYS A 28 7.61 -6.86 -1.49
CA LYS A 28 7.68 -7.39 -2.84
C LYS A 28 8.83 -8.40 -2.97
N PHE A 29 9.85 -8.23 -2.13
CA PHE A 29 11.01 -9.11 -2.16
C PHE A 29 10.60 -10.58 -2.05
N GLN A 30 9.59 -10.85 -1.22
CA GLN A 30 9.12 -12.21 -1.03
C GLN A 30 8.36 -12.72 -2.26
N ASN A 31 7.99 -11.82 -3.15
CA ASN A 31 7.26 -12.19 -4.36
C ASN A 31 5.94 -12.88 -4.01
N CYS A 32 5.39 -12.55 -2.85
CA CYS A 32 4.14 -13.14 -2.40
C CYS A 32 3.39 -12.18 -1.47
N GLY A 33 3.70 -10.90 -1.57
CA GLY A 33 3.05 -9.91 -0.73
C GLY A 33 3.16 -8.49 -1.26
N THR A 34 2.04 -7.90 -1.64
CA THR A 34 2.04 -6.53 -2.15
C THR A 34 1.57 -5.56 -1.07
N GLY A 35 2.34 -4.51 -0.84
CA GLY A 35 1.99 -3.54 0.18
C GLY A 35 0.94 -2.56 -0.30
N HIS A 36 -0.19 -2.52 0.40
CA HIS A 36 -1.29 -1.62 0.06
C HIS A 36 -1.69 -0.78 1.27
N CYS A 37 -1.97 0.49 1.03
CA CYS A 37 -2.36 1.41 2.10
C CYS A 37 -3.89 1.42 2.27
N GLU A 38 -4.38 0.51 3.10
CA GLU A 38 -5.82 0.42 3.36
C GLU A 38 -6.22 1.34 4.50
N LYS A 39 -7.40 1.94 4.38
CA LYS A 39 -7.91 2.85 5.40
C LYS A 39 -9.42 2.70 5.57
N ARG A 40 -9.85 2.50 6.81
CA ARG A 40 -11.27 2.35 7.11
C ARG A 40 -11.80 3.56 7.88
N GLY A 41 -11.59 3.56 9.18
CA GLY A 41 -12.04 4.67 10.01
C GLY A 41 -11.01 5.77 10.13
N GLY A 42 -10.25 6.00 9.07
CA GLY A 42 -9.23 7.03 9.09
C GLY A 42 -7.91 6.50 9.62
N ARG A 43 -7.67 5.21 9.41
CA ARG A 43 -6.43 4.59 9.87
C ARG A 43 -5.78 3.78 8.76
N PRO A 44 -4.56 4.17 8.31
CA PRO A 44 -3.85 3.47 7.25
C PRO A 44 -3.27 2.14 7.73
N THR A 45 -3.04 1.23 6.78
CA THR A 45 -2.49 -0.08 7.10
C THR A 45 -1.61 -0.59 5.96
N CYS A 46 -0.59 -1.37 6.31
CA CYS A 46 0.32 -1.92 5.32
C CYS A 46 0.07 -3.40 5.10
N VAL A 47 -0.95 -3.72 4.31
CA VAL A 47 -1.30 -5.10 4.02
C VAL A 47 -0.37 -5.67 2.94
N CYS A 48 0.20 -6.83 3.21
CA CYS A 48 1.12 -7.47 2.27
C CYS A 48 0.59 -8.81 1.81
N ASP A 49 0.11 -8.86 0.56
CA ASP A 49 -0.42 -10.09 -0.02
C ASP A 49 -0.34 -10.03 -1.54
N ARG A 50 0.46 -10.91 -2.13
CA ARG A 50 0.63 -10.93 -3.58
C ARG A 50 1.18 -12.28 -4.06
N CYS A 51 0.52 -13.36 -3.66
CA CYS A 51 0.95 -14.69 -4.05
C CYS A 51 0.36 -15.08 -5.40
N GLY A 52 0.61 -14.26 -6.42
CA GLY A 52 0.10 -14.54 -7.75
C GLY A 52 -0.96 -13.55 -8.18
N ARG A 53 -0.70 -12.83 -9.26
CA ARG A 53 -1.63 -11.86 -9.79
C ARG A 53 -1.95 -10.80 -8.74
N ALA A 1 -6.83 12.40 -13.16
CA ALA A 1 -7.87 11.49 -12.59
C ALA A 1 -7.53 10.03 -12.88
N VAL A 2 -6.60 9.48 -12.10
CA VAL A 2 -6.19 8.09 -12.27
C VAL A 2 -6.17 7.37 -10.93
N ASP A 3 -7.05 6.39 -10.77
CA ASP A 3 -7.12 5.61 -9.54
C ASP A 3 -7.45 6.51 -8.35
N PHE A 4 -8.74 6.74 -8.13
CA PHE A 4 -9.19 7.59 -7.03
C PHE A 4 -9.31 6.78 -5.74
N SER A 5 -9.63 5.50 -5.88
CA SER A 5 -9.78 4.61 -4.73
C SER A 5 -8.51 3.81 -4.48
N SER A 6 -7.37 4.47 -4.65
CA SER A 6 -6.07 3.83 -4.44
C SER A 6 -5.11 4.75 -3.71
N CYS A 7 -5.46 5.11 -2.49
CA CYS A 7 -4.63 6.00 -1.67
C CYS A 7 -4.46 7.35 -2.35
N ALA A 8 -5.56 7.92 -2.82
CA ALA A 8 -5.53 9.21 -3.49
C ALA A 8 -5.91 10.34 -2.52
N ARG A 9 -5.59 10.15 -1.24
CA ARG A 9 -5.90 11.14 -0.23
C ARG A 9 -4.81 12.21 -0.17
N MET A 10 -3.56 11.77 -0.11
CA MET A 10 -2.42 12.69 -0.06
C MET A 10 -2.51 13.60 1.16
N ASP A 11 -3.14 13.10 2.22
CA ASP A 11 -3.29 13.88 3.45
C ASP A 11 -1.97 13.98 4.19
N VAL A 12 -1.08 13.02 3.96
CA VAL A 12 0.23 13.00 4.61
C VAL A 12 0.97 14.33 4.40
N PRO A 13 1.90 14.66 5.30
CA PRO A 13 2.68 15.90 5.22
C PRO A 13 3.34 16.08 3.85
N GLY A 14 3.57 14.97 3.15
CA GLY A 14 4.19 15.03 1.85
C GLY A 14 5.26 13.98 1.64
N LEU A 15 4.96 12.73 1.99
CA LEU A 15 5.92 11.65 1.83
C LEU A 15 5.21 10.29 1.79
N SER A 16 3.95 10.30 1.33
CA SER A 16 3.18 9.07 1.24
C SER A 16 3.73 8.14 0.16
N LYS A 17 4.37 8.73 -0.85
CA LYS A 17 4.94 7.96 -1.94
C LYS A 17 6.06 7.06 -1.44
N VAL A 18 6.97 7.63 -0.65
CA VAL A 18 8.08 6.87 -0.10
C VAL A 18 7.59 5.81 0.88
N ALA A 19 6.49 6.12 1.57
CA ALA A 19 5.93 5.19 2.55
C ALA A 19 5.34 3.96 1.86
N GLN A 20 4.89 4.14 0.63
CA GLN A 20 4.34 3.05 -0.15
C GLN A 20 5.44 2.39 -0.96
N GLY A 21 6.50 3.16 -1.20
CA GLY A 21 7.60 2.64 -1.95
C GLY A 21 8.39 1.62 -1.16
N LEU A 22 8.45 1.85 0.15
CA LEU A 22 9.14 0.96 1.06
C LEU A 22 8.25 -0.20 1.45
N CYS A 23 6.99 0.08 1.74
CA CYS A 23 6.04 -0.95 2.12
C CYS A 23 5.87 -1.96 0.99
N ILE A 24 5.81 -1.45 -0.23
CA ILE A 24 5.64 -2.30 -1.42
C ILE A 24 6.90 -3.13 -1.68
N SER A 25 8.05 -2.48 -1.65
CA SER A 25 9.33 -3.16 -1.89
C SER A 25 9.59 -4.22 -0.82
N SER A 26 9.53 -3.81 0.44
CA SER A 26 9.78 -4.73 1.55
C SER A 26 8.86 -5.95 1.46
N CYS A 27 7.63 -5.73 1.01
CA CYS A 27 6.67 -6.82 0.86
C CYS A 27 6.87 -7.58 -0.45
N LYS A 28 7.59 -6.96 -1.38
CA LYS A 28 7.85 -7.59 -2.68
C LYS A 28 8.99 -8.60 -2.58
N PHE A 29 9.84 -8.44 -1.57
CA PHE A 29 10.98 -9.33 -1.36
C PHE A 29 10.54 -10.80 -1.37
N GLN A 30 9.32 -11.06 -0.92
CA GLN A 30 8.79 -12.42 -0.88
C GLN A 30 8.17 -12.82 -2.21
N ASN A 31 7.86 -11.84 -3.05
CA ASN A 31 7.25 -12.10 -4.35
C ASN A 31 5.85 -12.70 -4.20
N CYS A 32 5.18 -12.34 -3.12
CA CYS A 32 3.83 -12.84 -2.84
C CYS A 32 3.12 -11.92 -1.86
N GLY A 33 3.47 -10.65 -1.88
CA GLY A 33 2.87 -9.69 -0.98
C GLY A 33 3.05 -8.25 -1.44
N THR A 34 1.93 -7.56 -1.64
CA THR A 34 1.97 -6.17 -2.07
C THR A 34 1.52 -5.24 -0.95
N GLY A 35 2.25 -4.16 -0.76
CA GLY A 35 1.92 -3.21 0.28
C GLY A 35 0.90 -2.18 -0.16
N HIS A 36 -0.32 -2.29 0.36
CA HIS A 36 -1.39 -1.36 0.02
C HIS A 36 -1.82 -0.56 1.24
N CYS A 37 -2.08 0.73 1.04
CA CYS A 37 -2.51 1.59 2.13
C CYS A 37 -4.03 1.64 2.23
N GLU A 38 -4.59 0.72 3.01
CA GLU A 38 -6.04 0.64 3.19
C GLU A 38 -6.47 1.39 4.44
N LYS A 39 -7.77 1.60 4.59
CA LYS A 39 -8.31 2.30 5.74
C LYS A 39 -9.67 1.73 6.14
N ARG A 40 -9.71 1.04 7.27
CA ARG A 40 -10.95 0.45 7.75
C ARG A 40 -11.76 1.46 8.57
N GLY A 41 -11.44 1.57 9.86
CA GLY A 41 -12.13 2.50 10.72
C GLY A 41 -11.46 3.86 10.75
N GLY A 42 -10.72 4.17 9.70
CA GLY A 42 -10.02 5.45 9.64
C GLY A 42 -8.55 5.31 10.00
N ARG A 43 -7.99 4.15 9.72
CA ARG A 43 -6.58 3.89 10.01
C ARG A 43 -5.84 3.38 8.78
N PRO A 44 -4.83 4.13 8.30
CA PRO A 44 -4.04 3.75 7.13
C PRO A 44 -3.12 2.57 7.42
N THR A 45 -3.59 1.37 7.13
CA THR A 45 -2.79 0.16 7.35
C THR A 45 -2.14 -0.32 6.06
N CYS A 46 -1.03 -1.05 6.20
CA CYS A 46 -0.31 -1.58 5.05
C CYS A 46 -0.49 -3.08 4.94
N VAL A 47 -1.38 -3.50 4.05
CA VAL A 47 -1.65 -4.92 3.85
C VAL A 47 -0.58 -5.55 2.95
N CYS A 48 -0.22 -6.80 3.26
CA CYS A 48 0.80 -7.50 2.49
C CYS A 48 0.23 -8.75 1.84
N ASP A 49 -0.11 -8.64 0.55
CA ASP A 49 -0.67 -9.78 -0.18
C ASP A 49 -0.53 -9.61 -1.69
N ARG A 50 0.18 -10.54 -2.33
CA ARG A 50 0.39 -10.48 -3.77
C ARG A 50 0.80 -11.86 -4.31
N CYS A 51 0.36 -12.91 -3.64
CA CYS A 51 0.70 -14.27 -4.06
C CYS A 51 -0.34 -14.80 -5.04
N GLY A 52 -0.59 -14.04 -6.09
CA GLY A 52 -1.57 -14.45 -7.09
C GLY A 52 -1.39 -13.72 -8.41
N ARG A 53 -2.51 -13.40 -9.06
CA ARG A 53 -2.47 -12.70 -10.33
C ARG A 53 -1.72 -13.51 -11.39
N ALA A 1 -18.20 7.22 -9.54
CA ALA A 1 -16.90 7.91 -9.35
C ALA A 1 -16.26 7.51 -8.01
N VAL A 2 -15.07 8.03 -7.76
CA VAL A 2 -14.35 7.72 -6.52
C VAL A 2 -14.06 8.98 -5.72
N ASP A 3 -14.64 9.08 -4.53
CA ASP A 3 -14.44 10.25 -3.68
C ASP A 3 -14.21 9.82 -2.24
N PHE A 4 -13.71 10.75 -1.42
CA PHE A 4 -13.45 10.47 -0.01
C PHE A 4 -12.43 9.35 0.13
N SER A 5 -11.40 9.38 -0.70
CA SER A 5 -10.34 8.36 -0.67
C SER A 5 -8.97 9.00 -0.83
N SER A 6 -8.16 8.92 0.22
CA SER A 6 -6.81 9.48 0.18
C SER A 6 -5.80 8.47 -0.31
N CYS A 7 -5.46 7.50 0.54
CA CYS A 7 -4.50 6.46 0.17
C CYS A 7 -5.05 5.58 -0.95
N ALA A 8 -6.37 5.35 -0.92
CA ALA A 8 -7.01 4.52 -1.94
C ALA A 8 -6.94 5.18 -3.30
N ARG A 9 -6.94 6.51 -3.32
CA ARG A 9 -6.87 7.27 -4.56
C ARG A 9 -5.44 7.31 -5.10
N MET A 10 -4.47 7.15 -4.20
CA MET A 10 -3.06 7.18 -4.58
C MET A 10 -2.67 8.56 -5.11
N ASP A 11 -3.32 9.59 -4.59
CA ASP A 11 -3.04 10.96 -5.00
C ASP A 11 -2.73 11.83 -3.79
N VAL A 12 -2.00 11.26 -2.84
CA VAL A 12 -1.61 11.98 -1.63
C VAL A 12 -0.14 12.37 -1.67
N PRO A 13 0.17 13.59 -2.16
CA PRO A 13 1.55 14.08 -2.25
C PRO A 13 2.10 14.52 -0.91
N GLY A 14 2.13 13.61 0.06
CA GLY A 14 2.63 13.93 1.37
C GLY A 14 3.62 12.89 1.88
N LEU A 15 3.16 11.66 1.97
CA LEU A 15 4.00 10.56 2.44
C LEU A 15 3.44 9.21 1.99
N SER A 16 2.71 9.21 0.89
CA SER A 16 2.12 7.99 0.36
C SER A 16 3.09 7.30 -0.61
N LYS A 17 3.97 8.10 -1.20
CA LYS A 17 4.94 7.58 -2.16
C LYS A 17 6.08 6.85 -1.44
N VAL A 18 6.53 7.43 -0.33
CA VAL A 18 7.62 6.83 0.45
C VAL A 18 7.08 5.75 1.37
N ALA A 19 5.86 5.94 1.86
CA ALA A 19 5.23 4.98 2.75
C ALA A 19 4.77 3.74 1.98
N GLN A 20 4.41 3.95 0.73
CA GLN A 20 3.97 2.86 -0.13
C GLN A 20 5.16 2.31 -0.89
N GLY A 21 6.19 3.15 -1.03
CA GLY A 21 7.38 2.72 -1.73
C GLY A 21 8.17 1.71 -0.93
N LEU A 22 8.13 1.89 0.38
CA LEU A 22 8.83 1.00 1.30
C LEU A 22 7.94 -0.20 1.63
N CYS A 23 6.66 0.05 1.84
CA CYS A 23 5.71 -1.02 2.15
C CYS A 23 5.62 -2.00 0.98
N ILE A 24 5.70 -1.47 -0.24
CA ILE A 24 5.63 -2.30 -1.43
C ILE A 24 6.93 -3.05 -1.65
N SER A 25 8.06 -2.36 -1.49
CA SER A 25 9.37 -2.98 -1.67
C SER A 25 9.55 -4.15 -0.71
N SER A 26 9.42 -3.88 0.59
CA SER A 26 9.57 -4.90 1.60
C SER A 26 8.62 -6.07 1.35
N CYS A 27 7.38 -5.75 0.98
CA CYS A 27 6.37 -6.76 0.70
C CYS A 27 6.69 -7.52 -0.59
N LYS A 28 7.49 -6.90 -1.46
CA LYS A 28 7.87 -7.51 -2.72
C LYS A 28 8.97 -8.55 -2.50
N PHE A 29 9.75 -8.37 -1.44
CA PHE A 29 10.85 -9.29 -1.13
C PHE A 29 10.33 -10.72 -0.98
N GLN A 30 9.11 -10.87 -0.48
CA GLN A 30 8.51 -12.17 -0.28
C GLN A 30 7.79 -12.65 -1.55
N ASN A 31 7.45 -11.70 -2.43
CA ASN A 31 6.77 -12.01 -3.69
C ASN A 31 5.28 -12.29 -3.46
N CYS A 32 4.96 -13.05 -2.41
CA CYS A 32 3.58 -13.39 -2.09
C CYS A 32 2.94 -12.33 -1.21
N GLY A 33 3.29 -11.06 -1.44
CA GLY A 33 2.73 -9.99 -0.65
C GLY A 33 2.84 -8.63 -1.32
N THR A 34 1.71 -7.97 -1.50
CA THR A 34 1.69 -6.65 -2.11
C THR A 34 1.48 -5.59 -1.05
N GLY A 35 2.33 -4.56 -1.06
CA GLY A 35 2.21 -3.49 -0.09
C GLY A 35 1.37 -2.33 -0.60
N HIS A 36 0.20 -2.15 0.01
CA HIS A 36 -0.70 -1.07 -0.38
C HIS A 36 -1.19 -0.30 0.84
N CYS A 37 -1.65 0.92 0.61
CA CYS A 37 -2.16 1.76 1.70
C CYS A 37 -3.67 1.64 1.83
N GLU A 38 -4.11 0.74 2.69
CA GLU A 38 -5.54 0.53 2.91
C GLU A 38 -6.04 1.36 4.08
N LYS A 39 -7.30 1.15 4.46
CA LYS A 39 -7.89 1.88 5.57
C LYS A 39 -9.05 1.10 6.18
N ARG A 40 -9.06 0.99 7.51
CA ARG A 40 -10.12 0.27 8.21
C ARG A 40 -11.05 1.23 8.94
N GLY A 41 -10.67 1.61 10.16
CA GLY A 41 -11.49 2.53 10.93
C GLY A 41 -11.11 3.97 10.69
N GLY A 42 -10.90 4.33 9.43
CA GLY A 42 -10.53 5.69 9.09
C GLY A 42 -9.08 5.96 9.39
N ARG A 43 -8.25 4.93 9.31
CA ARG A 43 -6.82 5.08 9.57
C ARG A 43 -5.99 4.39 8.49
N PRO A 44 -4.79 4.93 8.21
CA PRO A 44 -3.89 4.37 7.20
C PRO A 44 -3.27 3.05 7.63
N THR A 45 -3.28 2.07 6.74
CA THR A 45 -2.71 0.76 7.02
C THR A 45 -1.93 0.23 5.82
N CYS A 46 -1.00 -0.69 6.09
CA CYS A 46 -0.19 -1.27 5.04
C CYS A 46 -0.46 -2.77 4.90
N VAL A 47 -1.29 -3.13 3.94
CA VAL A 47 -1.64 -4.52 3.71
C VAL A 47 -0.54 -5.23 2.92
N CYS A 48 -0.33 -6.50 3.22
CA CYS A 48 0.69 -7.29 2.54
C CYS A 48 0.13 -8.63 2.07
N ASP A 49 -0.26 -8.70 0.80
CA ASP A 49 -0.80 -9.93 0.25
C ASP A 49 -0.72 -9.95 -1.28
N ARG A 50 -0.04 -10.97 -1.82
CA ARG A 50 0.12 -11.10 -3.26
C ARG A 50 0.48 -12.53 -3.64
N CYS A 51 0.04 -13.49 -2.83
CA CYS A 51 0.33 -14.89 -3.11
C CYS A 51 -0.73 -15.50 -4.01
N GLY A 52 -0.30 -16.09 -5.12
CA GLY A 52 -1.22 -16.71 -6.05
C GLY A 52 -2.04 -17.82 -5.40
N ARG A 53 -3.05 -18.28 -6.11
CA ARG A 53 -3.92 -19.35 -5.60
C ARG A 53 -4.17 -20.40 -6.67
N ALA A 1 -11.22 6.83 -13.98
CA ALA A 1 -10.94 6.94 -12.52
C ALA A 1 -12.23 6.96 -11.72
N VAL A 2 -13.17 6.11 -12.09
CA VAL A 2 -14.45 6.03 -11.40
C VAL A 2 -14.46 4.89 -10.38
N ASP A 3 -13.30 4.60 -9.82
CA ASP A 3 -13.17 3.53 -8.83
C ASP A 3 -11.94 3.75 -7.95
N PHE A 4 -12.06 3.41 -6.68
CA PHE A 4 -10.97 3.56 -5.73
C PHE A 4 -10.36 2.21 -5.38
N SER A 5 -9.04 2.16 -5.30
CA SER A 5 -8.34 0.92 -4.97
C SER A 5 -8.18 0.77 -3.45
N SER A 6 -7.61 1.78 -2.81
CA SER A 6 -7.40 1.76 -1.36
C SER A 6 -6.95 3.12 -0.85
N CYS A 7 -5.91 3.66 -1.48
CA CYS A 7 -5.37 4.96 -1.09
C CYS A 7 -5.91 6.06 -1.99
N ALA A 8 -7.19 5.96 -2.35
CA ALA A 8 -7.84 6.95 -3.20
C ALA A 8 -7.73 8.35 -2.60
N ARG A 9 -8.24 8.51 -1.39
CA ARG A 9 -8.20 9.79 -0.70
C ARG A 9 -6.80 10.12 -0.22
N MET A 10 -6.17 9.16 0.45
CA MET A 10 -4.81 9.33 0.98
C MET A 10 -4.84 10.04 2.32
N ASP A 11 -5.54 11.16 2.38
CA ASP A 11 -5.66 11.96 3.61
C ASP A 11 -4.30 12.07 4.30
N VAL A 12 -3.26 12.12 3.49
CA VAL A 12 -1.90 12.21 4.00
C VAL A 12 -1.15 13.36 3.34
N PRO A 13 -0.38 14.14 4.14
CA PRO A 13 0.39 15.28 3.63
C PRO A 13 1.18 14.92 2.37
N GLY A 14 2.08 13.96 2.50
CA GLY A 14 2.91 13.55 1.37
C GLY A 14 3.86 12.42 1.72
N LEU A 15 3.40 11.51 2.58
CA LEU A 15 4.22 10.38 3.00
C LEU A 15 3.72 9.07 2.37
N SER A 16 2.45 9.07 1.96
CA SER A 16 1.85 7.88 1.35
C SER A 16 2.69 7.38 0.18
N LYS A 17 3.46 8.27 -0.43
CA LYS A 17 4.30 7.91 -1.55
C LYS A 17 5.49 7.06 -1.11
N VAL A 18 6.10 7.47 0.00
CA VAL A 18 7.25 6.74 0.55
C VAL A 18 6.79 5.57 1.40
N ALA A 19 5.67 5.74 2.09
CA ALA A 19 5.12 4.70 2.94
C ALA A 19 4.66 3.50 2.12
N GLN A 20 4.30 3.76 0.86
CA GLN A 20 3.86 2.71 -0.03
C GLN A 20 5.05 2.20 -0.81
N GLY A 21 5.99 3.09 -1.06
CA GLY A 21 7.18 2.71 -1.78
C GLY A 21 8.02 1.74 -1.00
N LEU A 22 7.98 1.89 0.32
CA LEU A 22 8.72 1.03 1.22
C LEU A 22 7.93 -0.23 1.53
N CYS A 23 6.62 -0.06 1.74
CA CYS A 23 5.76 -1.20 2.03
C CYS A 23 5.69 -2.15 0.84
N ILE A 24 5.75 -1.59 -0.36
CA ILE A 24 5.70 -2.39 -1.58
C ILE A 24 7.03 -3.09 -1.84
N SER A 25 8.14 -2.36 -1.71
CA SER A 25 9.46 -2.93 -1.95
C SER A 25 9.81 -3.96 -0.88
N SER A 26 9.60 -3.60 0.38
CA SER A 26 9.90 -4.50 1.49
C SER A 26 9.09 -5.78 1.41
N CYS A 27 7.81 -5.66 1.08
CA CYS A 27 6.93 -6.83 0.98
C CYS A 27 7.08 -7.54 -0.37
N LYS A 28 7.71 -6.87 -1.34
CA LYS A 28 7.91 -7.45 -2.65
C LYS A 28 9.12 -8.38 -2.66
N PHE A 29 10.07 -8.11 -1.77
CA PHE A 29 11.27 -8.92 -1.66
C PHE A 29 10.94 -10.41 -1.50
N GLN A 30 9.76 -10.69 -0.96
CA GLN A 30 9.33 -12.07 -0.75
C GLN A 30 8.67 -12.65 -2.01
N ASN A 31 8.26 -11.78 -2.92
CA ASN A 31 7.62 -12.22 -4.15
C ASN A 31 6.30 -12.93 -3.86
N CYS A 32 5.65 -12.53 -2.77
CA CYS A 32 4.38 -13.12 -2.37
C CYS A 32 3.60 -12.17 -1.47
N GLY A 33 3.83 -10.87 -1.65
CA GLY A 33 3.16 -9.87 -0.84
C GLY A 33 3.17 -8.49 -1.46
N THR A 34 1.99 -8.00 -1.86
CA THR A 34 1.88 -6.68 -2.46
C THR A 34 1.45 -5.66 -1.41
N GLY A 35 2.20 -4.56 -1.32
CA GLY A 35 1.88 -3.54 -0.34
C GLY A 35 0.75 -2.63 -0.79
N HIS A 36 -0.23 -2.45 0.09
CA HIS A 36 -1.38 -1.60 -0.20
C HIS A 36 -1.80 -0.82 1.04
N CYS A 37 -1.73 0.51 0.94
CA CYS A 37 -2.10 1.36 2.06
C CYS A 37 -3.61 1.53 2.15
N GLU A 38 -4.25 0.70 2.97
CA GLU A 38 -5.69 0.74 3.14
C GLU A 38 -6.06 1.65 4.31
N LYS A 39 -7.35 1.91 4.47
CA LYS A 39 -7.84 2.77 5.55
C LYS A 39 -9.24 2.35 5.98
N ARG A 40 -9.43 2.20 7.29
CA ARG A 40 -10.73 1.81 7.83
C ARG A 40 -11.35 2.94 8.64
N GLY A 41 -11.02 2.99 9.93
CA GLY A 41 -11.55 4.05 10.79
C GLY A 41 -10.65 5.27 10.82
N GLY A 42 -9.88 5.46 9.76
CA GLY A 42 -8.97 6.60 9.69
C GLY A 42 -7.54 6.20 10.03
N ARG A 43 -7.20 4.94 9.75
CA ARG A 43 -5.86 4.45 10.02
C ARG A 43 -5.21 3.90 8.76
N PRO A 44 -4.02 4.40 8.39
CA PRO A 44 -3.30 3.94 7.19
C PRO A 44 -2.63 2.59 7.40
N THR A 45 -3.38 1.51 7.16
CA THR A 45 -2.86 0.16 7.33
C THR A 45 -2.02 -0.24 6.12
N CYS A 46 -0.97 -1.01 6.36
CA CYS A 46 -0.09 -1.47 5.29
C CYS A 46 -0.18 -2.99 5.13
N VAL A 47 -1.10 -3.44 4.28
CA VAL A 47 -1.27 -4.87 4.04
C VAL A 47 -0.23 -5.38 3.06
N CYS A 48 -0.05 -6.70 3.02
CA CYS A 48 0.93 -7.31 2.12
C CYS A 48 0.53 -8.73 1.74
N ASP A 49 0.12 -8.91 0.49
CA ASP A 49 -0.29 -10.23 0.00
C ASP A 49 -0.23 -10.28 -1.52
N ARG A 50 0.59 -11.18 -2.05
CA ARG A 50 0.74 -11.33 -3.50
C ARG A 50 1.34 -12.68 -3.86
N CYS A 51 0.98 -13.71 -3.09
CA CYS A 51 1.49 -15.05 -3.34
C CYS A 51 0.55 -15.83 -4.25
N GLY A 52 0.21 -15.24 -5.39
CA GLY A 52 -0.68 -15.90 -6.33
C GLY A 52 -2.13 -15.84 -5.90
N ARG A 53 -3.04 -16.06 -6.84
CA ARG A 53 -4.47 -16.03 -6.55
C ARG A 53 -5.26 -16.78 -7.62
N ALA A 1 2.81 -1.97 -11.03
CA ALA A 1 1.99 -2.09 -12.26
C ALA A 1 0.53 -2.38 -11.93
N VAL A 2 -0.17 -1.36 -11.44
CA VAL A 2 -1.57 -1.50 -11.09
C VAL A 2 -2.44 -0.51 -11.86
N ASP A 3 -1.97 0.75 -11.94
CA ASP A 3 -2.70 1.80 -12.66
C ASP A 3 -3.81 2.41 -11.79
N PHE A 4 -4.13 1.76 -10.69
CA PHE A 4 -5.18 2.25 -9.79
C PHE A 4 -4.86 1.90 -8.34
N SER A 5 -4.04 2.73 -7.71
CA SER A 5 -3.64 2.51 -6.32
C SER A 5 -4.87 2.46 -5.41
N SER A 6 -5.56 3.60 -5.29
CA SER A 6 -6.75 3.68 -4.45
C SER A 6 -6.41 3.38 -2.99
N CYS A 7 -5.80 4.37 -2.32
CA CYS A 7 -5.42 4.21 -0.92
C CYS A 7 -6.50 4.78 0.00
N ALA A 8 -7.75 4.47 -0.31
CA ALA A 8 -8.88 4.95 0.49
C ALA A 8 -8.94 6.47 0.51
N ARG A 9 -8.37 7.09 -0.52
CA ARG A 9 -8.36 8.54 -0.63
C ARG A 9 -8.10 8.98 -2.07
N MET A 10 -7.04 8.44 -2.66
CA MET A 10 -6.68 8.78 -4.03
C MET A 10 -6.40 10.28 -4.18
N ASP A 11 -5.80 10.86 -3.14
CA ASP A 11 -5.47 12.28 -3.15
C ASP A 11 -4.54 12.64 -1.99
N VAL A 12 -3.57 11.77 -1.73
CA VAL A 12 -2.62 11.99 -0.66
C VAL A 12 -1.79 13.25 -0.91
N PRO A 13 -1.40 13.96 0.16
CA PRO A 13 -0.60 15.19 0.06
C PRO A 13 0.74 14.95 -0.61
N GLY A 14 1.36 13.81 -0.30
CA GLY A 14 2.66 13.48 -0.89
C GLY A 14 3.57 12.72 0.05
N LEU A 15 3.03 11.71 0.73
CA LEU A 15 3.83 10.91 1.65
C LEU A 15 3.53 9.42 1.47
N SER A 16 2.28 9.08 1.17
CA SER A 16 1.89 7.70 0.99
C SER A 16 2.74 7.03 -0.10
N LYS A 17 3.31 7.84 -0.98
CA LYS A 17 4.14 7.33 -2.06
C LYS A 17 5.42 6.71 -1.50
N VAL A 18 6.00 7.37 -0.50
CA VAL A 18 7.22 6.88 0.12
C VAL A 18 6.91 5.84 1.18
N ALA A 19 5.77 6.02 1.86
CA ALA A 19 5.35 5.10 2.90
C ALA A 19 4.88 3.78 2.30
N GLN A 20 4.23 3.87 1.14
CA GLN A 20 3.76 2.68 0.45
C GLN A 20 4.82 2.19 -0.50
N GLY A 21 5.74 3.11 -0.86
CA GLY A 21 6.80 2.75 -1.75
C GLY A 21 7.77 1.79 -1.09
N LEU A 22 7.95 1.97 0.21
CA LEU A 22 8.84 1.13 0.99
C LEU A 22 8.10 -0.12 1.45
N CYS A 23 6.86 0.06 1.88
CA CYS A 23 6.04 -1.05 2.34
C CYS A 23 5.80 -2.04 1.20
N ILE A 24 5.68 -1.52 -0.02
CA ILE A 24 5.45 -2.36 -1.19
C ILE A 24 6.72 -3.06 -1.62
N SER A 25 7.82 -2.32 -1.69
CA SER A 25 9.11 -2.90 -2.08
C SER A 25 9.57 -3.95 -1.08
N SER A 26 9.53 -3.58 0.20
CA SER A 26 9.96 -4.49 1.27
C SER A 26 9.16 -5.79 1.23
N CYS A 27 7.84 -5.68 1.17
CA CYS A 27 6.97 -6.86 1.14
C CYS A 27 6.99 -7.53 -0.23
N LYS A 28 7.53 -6.85 -1.23
CA LYS A 28 7.60 -7.41 -2.58
C LYS A 28 8.79 -8.34 -2.72
N PHE A 29 9.82 -8.10 -1.91
CA PHE A 29 11.03 -8.92 -1.94
C PHE A 29 10.70 -10.41 -1.87
N GLN A 30 9.66 -10.76 -1.12
CA GLN A 30 9.25 -12.14 -0.97
C GLN A 30 8.56 -12.65 -2.24
N ASN A 31 8.17 -11.73 -3.12
CA ASN A 31 7.51 -12.09 -4.37
C ASN A 31 6.16 -12.75 -4.11
N CYS A 32 5.55 -12.41 -2.97
CA CYS A 32 4.26 -12.97 -2.60
C CYS A 32 3.50 -12.03 -1.67
N GLY A 33 3.83 -10.74 -1.72
CA GLY A 33 3.17 -9.77 -0.87
C GLY A 33 3.32 -8.34 -1.37
N THR A 34 2.20 -7.74 -1.78
CA THR A 34 2.22 -6.37 -2.28
C THR A 34 1.67 -5.42 -1.22
N GLY A 35 2.37 -4.30 -1.01
CA GLY A 35 1.94 -3.34 -0.02
C GLY A 35 0.82 -2.45 -0.53
N HIS A 36 -0.23 -2.30 0.27
CA HIS A 36 -1.38 -1.48 -0.09
C HIS A 36 -1.88 -0.70 1.10
N CYS A 37 -2.46 0.48 0.85
CA CYS A 37 -2.99 1.32 1.91
C CYS A 37 -4.36 0.82 2.36
N GLU A 38 -4.37 -0.04 3.36
CA GLU A 38 -5.61 -0.58 3.90
C GLU A 38 -6.09 0.22 5.10
N LYS A 39 -6.87 1.27 4.84
CA LYS A 39 -7.38 2.12 5.89
C LYS A 39 -8.85 2.45 5.67
N ARG A 40 -9.42 3.25 6.56
CA ARG A 40 -10.82 3.64 6.45
C ARG A 40 -11.09 4.91 7.26
N GLY A 41 -11.16 4.77 8.58
CA GLY A 41 -11.41 5.91 9.43
C GLY A 41 -10.13 6.59 9.88
N GLY A 42 -9.03 6.29 9.21
CA GLY A 42 -7.75 6.89 9.55
C GLY A 42 -6.76 5.88 10.09
N ARG A 43 -6.89 4.64 9.63
CA ARG A 43 -5.99 3.56 10.06
C ARG A 43 -5.13 3.07 8.90
N PRO A 44 -3.99 3.73 8.64
CA PRO A 44 -3.09 3.34 7.54
C PRO A 44 -2.39 2.02 7.81
N THR A 45 -2.99 0.94 7.33
CA THR A 45 -2.42 -0.40 7.52
C THR A 45 -1.67 -0.84 6.27
N CYS A 46 -0.57 -1.57 6.46
CA CYS A 46 0.24 -2.05 5.36
C CYS A 46 -0.08 -3.51 5.04
N VAL A 47 -0.99 -3.73 4.09
CA VAL A 47 -1.38 -5.06 3.69
C VAL A 47 -0.39 -5.64 2.68
N CYS A 48 0.14 -6.81 2.98
CA CYS A 48 1.11 -7.46 2.09
C CYS A 48 0.56 -8.79 1.55
N ASP A 49 0.15 -8.78 0.29
CA ASP A 49 -0.40 -9.98 -0.34
C ASP A 49 -0.19 -9.91 -1.86
N ARG A 50 0.60 -10.83 -2.39
CA ARG A 50 0.88 -10.86 -3.83
C ARG A 50 1.39 -12.23 -4.25
N CYS A 51 0.98 -13.27 -3.54
CA CYS A 51 1.40 -14.64 -3.85
C CYS A 51 0.46 -15.28 -4.86
N GLY A 52 0.94 -16.33 -5.51
CA GLY A 52 0.12 -17.03 -6.49
C GLY A 52 -0.82 -18.02 -5.86
N ARG A 53 -0.86 -19.24 -6.41
CA ARG A 53 -1.73 -20.28 -5.89
C ARG A 53 -1.07 -21.02 -4.72
N ALA A 1 1.50 9.07 -11.85
CA ALA A 1 1.37 7.88 -10.96
C ALA A 1 0.72 8.27 -9.63
N VAL A 2 0.95 9.50 -9.21
CA VAL A 2 0.40 9.99 -7.95
C VAL A 2 -0.24 11.37 -8.14
N ASP A 3 -1.44 11.54 -7.59
CA ASP A 3 -2.16 12.80 -7.69
C ASP A 3 -2.65 13.27 -6.32
N PHE A 4 -1.76 13.89 -5.56
CA PHE A 4 -2.11 14.39 -4.23
C PHE A 4 -2.55 13.24 -3.32
N SER A 5 -1.63 12.78 -2.48
CA SER A 5 -1.92 11.67 -1.56
C SER A 5 -2.30 10.41 -2.33
N SER A 6 -1.35 9.51 -2.49
CA SER A 6 -1.58 8.27 -3.21
C SER A 6 -2.67 7.45 -2.53
N CYS A 7 -2.74 7.53 -1.20
CA CYS A 7 -3.73 6.80 -0.44
C CYS A 7 -4.99 7.64 -0.23
N ALA A 8 -4.79 8.95 -0.08
CA ALA A 8 -5.91 9.87 0.12
C ALA A 8 -6.70 9.50 1.38
N ARG A 9 -5.99 9.03 2.40
CA ARG A 9 -6.62 8.64 3.66
C ARG A 9 -5.62 8.66 4.80
N MET A 10 -4.41 8.15 4.53
CA MET A 10 -3.36 8.10 5.54
C MET A 10 -3.15 9.46 6.19
N ASP A 11 -3.49 10.53 5.48
CA ASP A 11 -3.34 11.88 5.98
C ASP A 11 -1.87 12.23 6.17
N VAL A 12 -1.06 11.89 5.18
CA VAL A 12 0.37 12.17 5.23
C VAL A 12 0.86 12.76 3.91
N PRO A 13 0.74 14.08 3.75
CA PRO A 13 1.18 14.77 2.52
C PRO A 13 2.69 14.94 2.46
N GLY A 14 3.41 13.82 2.52
CA GLY A 14 4.86 13.88 2.46
C GLY A 14 5.49 12.50 2.41
N LEU A 15 4.98 11.59 3.23
CA LEU A 15 5.49 10.23 3.27
C LEU A 15 4.50 9.24 2.65
N SER A 16 3.41 9.76 2.12
CA SER A 16 2.38 8.94 1.50
C SER A 16 2.96 8.13 0.33
N LYS A 17 3.95 8.71 -0.34
CA LYS A 17 4.59 8.05 -1.47
C LYS A 17 5.66 7.07 -1.00
N VAL A 18 6.58 7.55 -0.17
CA VAL A 18 7.66 6.72 0.36
C VAL A 18 7.09 5.58 1.21
N ALA A 19 6.05 5.87 1.96
CA ALA A 19 5.42 4.88 2.82
C ALA A 19 4.90 3.69 2.00
N GLN A 20 4.50 3.95 0.77
CA GLN A 20 4.00 2.91 -0.11
C GLN A 20 5.15 2.36 -0.92
N GLY A 21 6.19 3.17 -1.08
CA GLY A 21 7.34 2.75 -1.83
C GLY A 21 8.14 1.71 -1.07
N LEU A 22 8.15 1.85 0.24
CA LEU A 22 8.87 0.94 1.12
C LEU A 22 8.02 -0.28 1.42
N CYS A 23 6.72 -0.06 1.69
CA CYS A 23 5.82 -1.16 1.98
C CYS A 23 5.73 -2.11 0.79
N ILE A 24 5.68 -1.54 -0.41
CA ILE A 24 5.60 -2.32 -1.63
C ILE A 24 6.90 -3.06 -1.92
N SER A 25 8.02 -2.35 -1.83
CA SER A 25 9.33 -2.96 -2.09
C SER A 25 9.64 -4.05 -1.08
N SER A 26 9.59 -3.69 0.21
CA SER A 26 9.87 -4.64 1.28
C SER A 26 9.01 -5.91 1.14
N CYS A 27 7.77 -5.73 0.71
CA CYS A 27 6.86 -6.85 0.53
C CYS A 27 7.11 -7.57 -0.78
N LYS A 28 7.72 -6.86 -1.73
CA LYS A 28 8.02 -7.44 -3.05
C LYS A 28 9.17 -8.44 -2.95
N PHE A 29 10.03 -8.27 -1.95
CA PHE A 29 11.16 -9.15 -1.76
C PHE A 29 10.73 -10.61 -1.62
N GLN A 30 9.48 -10.83 -1.24
CA GLN A 30 8.96 -12.18 -1.06
C GLN A 30 8.30 -12.71 -2.33
N ASN A 31 8.09 -11.83 -3.32
CA ASN A 31 7.47 -12.21 -4.58
C ASN A 31 6.09 -12.84 -4.34
N CYS A 32 5.43 -12.41 -3.27
CA CYS A 32 4.11 -12.92 -2.93
C CYS A 32 3.44 -12.00 -1.90
N GLY A 33 3.75 -10.72 -1.99
CA GLY A 33 3.18 -9.75 -1.06
C GLY A 33 3.28 -8.33 -1.56
N THR A 34 2.15 -7.64 -1.61
CA THR A 34 2.13 -6.24 -2.06
C THR A 34 1.65 -5.34 -0.92
N GLY A 35 2.34 -4.23 -0.75
CA GLY A 35 1.99 -3.29 0.30
C GLY A 35 0.94 -2.29 -0.14
N HIS A 36 -0.26 -2.43 0.42
CA HIS A 36 -1.36 -1.53 0.09
C HIS A 36 -1.85 -0.78 1.33
N CYS A 37 -1.88 0.55 1.23
CA CYS A 37 -2.32 1.38 2.35
C CYS A 37 -3.84 1.41 2.45
N GLU A 38 -4.39 0.52 3.27
CA GLU A 38 -5.83 0.44 3.46
C GLU A 38 -6.27 1.29 4.64
N LYS A 39 -7.50 1.78 4.59
CA LYS A 39 -8.03 2.61 5.67
C LYS A 39 -9.56 2.65 5.64
N ARG A 40 -10.17 2.52 6.81
CA ARG A 40 -11.63 2.54 6.91
C ARG A 40 -12.09 3.56 7.95
N GLY A 41 -12.07 3.15 9.22
CA GLY A 41 -12.48 4.05 10.28
C GLY A 41 -11.33 4.87 10.83
N GLY A 42 -10.54 5.45 9.93
CA GLY A 42 -9.40 6.26 10.34
C GLY A 42 -8.26 5.41 10.87
N ARG A 43 -8.13 4.21 10.31
CA ARG A 43 -7.06 3.30 10.72
C ARG A 43 -6.25 2.81 9.52
N PRO A 44 -5.19 3.56 9.16
CA PRO A 44 -4.33 3.20 8.02
C PRO A 44 -3.44 2.01 8.32
N THR A 45 -3.52 0.99 7.49
CA THR A 45 -2.72 -0.22 7.66
C THR A 45 -2.02 -0.60 6.36
N CYS A 46 -0.99 -1.44 6.47
CA CYS A 46 -0.24 -1.88 5.30
C CYS A 46 -0.35 -3.40 5.13
N VAL A 47 -1.22 -3.83 4.22
CA VAL A 47 -1.41 -5.25 3.95
C VAL A 47 -0.29 -5.79 3.05
N CYS A 48 0.17 -6.99 3.35
CA CYS A 48 1.24 -7.62 2.56
C CYS A 48 0.76 -8.91 1.91
N ASP A 49 0.29 -8.81 0.66
CA ASP A 49 -0.20 -9.98 -0.06
C ASP A 49 -0.22 -9.75 -1.56
N ARG A 50 0.50 -10.59 -2.31
CA ARG A 50 0.55 -10.48 -3.77
C ARG A 50 1.02 -11.79 -4.39
N CYS A 51 0.28 -12.86 -4.16
CA CYS A 51 0.65 -14.16 -4.70
C CYS A 51 -0.01 -14.40 -6.05
N GLY A 52 0.66 -15.15 -6.92
CA GLY A 52 0.12 -15.43 -8.23
C GLY A 52 1.21 -15.74 -9.25
N ARG A 53 2.25 -14.92 -9.25
CA ARG A 53 3.36 -15.11 -10.19
C ARG A 53 4.69 -14.81 -9.51
#